data_7H9C
#
_entry.id   7H9C
#
_cell.length_a   87.659
_cell.length_b   87.659
_cell.length_c   85.770
_cell.angle_alpha   90.00
_cell.angle_beta   90.00
_cell.angle_gamma   120.00
#
_symmetry.space_group_name_H-M   'P 31'
#
loop_
_entity.id
_entity.type
_entity.pdbx_description
1 polymer 'Non-structural protein 3'
2 non-polymer 'DIMETHYL SULFOXIDE'
3 non-polymer 2-AMINO-2-HYDROXYMETHYL-PROPANE-1,3-DIOL
4 non-polymer 'CHLORIDE ION'
5 non-polymer (3-hydroxyphenyl)(morpholin-4-yl)methanone
6 water water
#
_entity_poly.entity_id   1
_entity_poly.type   'polypeptide(L)'
_entity_poly.pdbx_seq_one_letter_code
;GAMAPSYRVKRMDIAKNDEECVVNAANPRGLPGDGVCKAVYKKWPESFKNSATPVGTAKTVMCGTYPVIHAVGPNFSNYT
ESEGDRELAAAYREVAKEVTRLGVNSVAIPLLSTGVYSGGKDRLTQSLNHLFTAMDSTDADVVIYCRDKEWEKKISEAIQ
MRT
;
_entity_poly.pdbx_strand_id   A,B,C,D
#
loop_
_chem_comp.id
_chem_comp.type
_chem_comp.name
_chem_comp.formula
A1AQJ non-polymer (3-hydroxyphenyl)(morpholin-4-yl)methanone 'C11 H13 N O3'
CL non-polymer 'CHLORIDE ION' 'Cl -1'
DMS non-polymer 'DIMETHYL SULFOXIDE' 'C2 H6 O S'
TRS non-polymer 2-AMINO-2-HYDROXYMETHYL-PROPANE-1,3-DIOL 'C4 H12 N O3 1'
#
# COMPACT_ATOMS: atom_id res chain seq x y z
N GLY A 1 -6.17 19.11 14.23
CA GLY A 1 -6.00 18.68 15.67
C GLY A 1 -7.02 17.62 16.05
N ALA A 2 -6.74 16.84 17.11
CA ALA A 2 -7.73 15.91 17.68
C ALA A 2 -8.78 16.72 18.45
N MET A 3 -10.05 16.26 18.52
CA MET A 3 -11.11 17.05 19.21
C MET A 3 -10.82 17.22 20.71
N ALA A 4 -10.21 16.22 21.34
CA ALA A 4 -9.86 16.24 22.77
C ALA A 4 -8.51 15.54 22.93
N PRO A 5 -7.42 16.24 22.54
CA PRO A 5 -6.09 15.62 22.49
C PRO A 5 -5.78 14.81 23.77
N SER A 6 -5.30 13.59 23.61
CA SER A 6 -5.11 12.60 24.70
C SER A 6 -3.74 11.96 24.59
N TYR A 7 -3.34 11.29 25.68
CA TYR A 7 -2.24 10.30 25.70
C TYR A 7 -2.83 8.94 26.02
N ARG A 8 -2.32 7.92 25.34
CA ARG A 8 -2.67 6.51 25.60
C ARG A 8 -1.38 5.70 25.52
N VAL A 9 -1.42 4.50 26.08
CA VAL A 9 -0.29 3.56 25.98
C VAL A 9 -0.82 2.21 25.54
N LYS A 10 -0.12 1.56 24.62
CA LYS A 10 -0.41 0.18 24.20
C LYS A 10 0.84 -0.69 24.26
N ARG A 11 0.66 -1.95 24.66
CA ARG A 11 1.76 -2.93 24.70
C ARG A 11 1.63 -3.84 23.47
N MET A 12 2.31 -3.45 22.40
CA MET A 12 2.29 -4.19 21.12
C MET A 12 3.36 -3.58 20.20
N ASP A 13 3.58 -4.23 19.09
CA ASP A 13 4.52 -3.81 18.03
C ASP A 13 4.02 -2.49 17.40
N ILE A 14 4.84 -1.45 17.46
CA ILE A 14 4.52 -0.10 16.83
C ILE A 14 4.36 -0.23 15.31
N ALA A 15 4.93 -1.25 14.66
CA ALA A 15 4.68 -1.53 13.22
C ALA A 15 3.21 -1.89 12.92
N LYS A 16 2.35 -2.19 13.91
CA LYS A 16 0.92 -2.48 13.76
C LYS A 16 0.08 -1.32 14.30
N ASN A 17 0.63 -0.11 14.44
CA ASN A 17 -0.11 1.05 15.02
C ASN A 17 -1.34 1.43 14.19
N ASP A 18 -2.26 2.11 14.84
CA ASP A 18 -3.51 2.66 14.26
C ASP A 18 -3.49 4.18 14.27
N GLU A 19 -2.31 4.80 14.08
CA GLU A 19 -2.15 6.26 14.07
C GLU A 19 -1.81 6.78 12.66
N GLU A 20 -1.85 8.08 12.48
CA GLU A 20 -1.63 8.69 11.15
C GLU A 20 -0.15 8.81 10.79
N CYS A 21 0.75 8.58 11.73
CA CYS A 21 2.21 8.59 11.48
C CYS A 21 2.91 7.90 12.63
N VAL A 22 4.15 7.51 12.38
CA VAL A 22 4.98 6.74 13.34
C VAL A 22 6.28 7.48 13.60
N VAL A 23 6.78 7.39 14.82
CA VAL A 23 8.16 7.83 15.18
C VAL A 23 9.01 6.56 15.29
N ASN A 24 10.11 6.56 14.56
CA ASN A 24 11.13 5.50 14.62
C ASN A 24 12.17 5.88 15.67
N ALA A 25 12.52 4.96 16.55
CA ALA A 25 13.72 5.11 17.42
C ALA A 25 14.95 4.73 16.57
N ALA A 26 15.41 5.68 15.78
CA ALA A 26 16.39 5.53 14.70
C ALA A 26 17.83 5.58 15.22
N ASN A 27 18.72 5.05 14.37
CA ASN A 27 20.16 5.33 14.57
C ASN A 27 20.56 6.49 13.68
N PRO A 28 21.70 7.16 13.95
CA PRO A 28 22.08 8.32 13.16
C PRO A 28 22.40 8.04 11.66
N ARG A 29 22.64 6.78 11.30
CA ARG A 29 23.16 6.41 9.98
C ARG A 29 22.06 5.90 9.08
N GLY A 30 20.81 5.87 9.57
CA GLY A 30 19.74 5.35 8.71
C GLY A 30 19.85 3.87 8.45
N LEU A 31 20.50 3.12 9.35
CA LEU A 31 20.65 1.64 9.18
C LEU A 31 19.44 0.92 9.73
N PRO A 32 19.14 -0.30 9.23
CA PRO A 32 18.01 -1.10 9.72
C PRO A 32 18.04 -1.34 11.22
N GLY A 33 19.20 -1.49 11.85
CA GLY A 33 19.29 -1.50 13.33
C GLY A 33 18.68 -2.73 13.95
N ASP A 34 18.23 -2.59 15.21
CA ASP A 34 17.69 -3.66 16.09
C ASP A 34 16.41 -3.14 16.75
N GLY A 35 15.57 -4.03 17.30
CA GLY A 35 14.42 -3.61 18.13
C GLY A 35 13.36 -2.84 17.36
N VAL A 36 12.85 -1.72 17.89
CA VAL A 36 11.82 -0.87 17.20
C VAL A 36 12.33 -0.53 15.78
N CYS A 37 13.58 -0.13 15.64
CA CYS A 37 14.16 0.30 14.35
C CYS A 37 14.03 -0.80 13.28
N LYS A 38 14.34 -2.05 13.63
CA LYS A 38 14.26 -3.20 12.69
C LYS A 38 12.81 -3.48 12.30
N ALA A 39 11.87 -3.37 13.24
CA ALA A 39 10.42 -3.59 12.99
C ALA A 39 9.94 -2.53 12.00
N VAL A 40 10.41 -1.30 12.21
CA VAL A 40 10.05 -0.15 11.34
C VAL A 40 10.67 -0.38 9.95
N TYR A 41 11.91 -0.88 9.88
CA TYR A 41 12.55 -1.13 8.57
C TYR A 41 11.78 -2.19 7.78
N LYS A 42 11.32 -3.23 8.45
CA LYS A 42 10.56 -4.34 7.79
C LYS A 42 9.20 -3.83 7.28
N LYS A 43 8.57 -2.93 8.00
CA LYS A 43 7.20 -2.43 7.66
C LYS A 43 7.25 -1.30 6.62
N TRP A 44 8.21 -0.38 6.72
CA TRP A 44 8.29 0.85 5.91
C TRP A 44 9.72 1.00 5.36
N PRO A 45 10.28 0.03 4.64
CA PRO A 45 11.69 0.13 4.24
C PRO A 45 11.97 1.32 3.32
N GLU A 46 10.97 1.75 2.56
CA GLU A 46 11.11 2.90 1.63
C GLU A 46 11.45 4.18 2.42
N SER A 47 11.03 4.26 3.71
CA SER A 47 11.24 5.45 4.54
C SER A 47 12.70 5.58 4.95
N PHE A 48 13.56 4.63 4.61
CA PHE A 48 14.98 4.72 5.04
C PHE A 48 15.85 5.32 3.92
N LYS A 49 15.23 5.77 2.84
CA LYS A 49 15.98 6.59 1.82
C LYS A 49 16.40 7.94 2.39
N ASN A 50 17.72 8.18 2.58
CA ASN A 50 18.26 9.47 3.08
C ASN A 50 17.61 9.82 4.43
N SER A 51 17.48 8.83 5.30
CA SER A 51 16.96 9.05 6.68
C SER A 51 18.08 9.36 7.69
N ALA A 52 19.36 9.20 7.37
CA ALA A 52 20.45 9.53 8.30
C ALA A 52 20.34 10.98 8.77
N THR A 53 20.55 11.23 10.08
CA THR A 53 20.37 12.52 10.76
C THR A 53 21.14 12.47 12.07
N PRO A 54 21.63 13.60 12.57
CA PRO A 54 22.44 13.57 13.79
C PRO A 54 21.64 13.25 15.05
N VAL A 55 22.37 12.95 16.12
CA VAL A 55 21.76 12.74 17.45
C VAL A 55 21.03 14.02 17.84
N GLY A 56 19.85 13.86 18.46
CA GLY A 56 19.09 15.02 18.99
C GLY A 56 18.18 15.64 17.94
N THR A 57 18.09 15.05 16.76
CA THR A 57 17.23 15.52 15.64
C THR A 57 16.23 14.48 15.19
N ALA A 58 15.29 14.93 14.34
CA ALA A 58 14.29 14.07 13.72
C ALA A 58 14.19 14.46 12.26
N LYS A 59 14.08 13.45 11.42
CA LYS A 59 13.97 13.63 9.96
C LYS A 59 12.82 12.75 9.47
N THR A 60 11.85 13.35 8.77
CA THR A 60 10.66 12.62 8.28
C THR A 60 10.89 12.21 6.82
N VAL A 61 10.62 10.96 6.50
CA VAL A 61 10.60 10.38 5.15
C VAL A 61 9.29 9.66 4.95
N MET A 62 8.65 9.91 3.82
N MET A 62 8.60 9.96 3.85
CA MET A 62 7.33 9.34 3.48
CA MET A 62 7.30 9.33 3.50
C MET A 62 7.53 7.90 2.99
C MET A 62 7.53 7.91 3.01
N CYS A 63 6.66 6.98 3.41
CA CYS A 63 6.49 5.64 2.80
C CYS A 63 5.12 5.67 2.12
N GLY A 64 5.07 5.87 0.80
CA GLY A 64 3.80 6.25 0.16
C GLY A 64 3.38 7.62 0.61
N THR A 65 2.23 7.74 1.28
CA THR A 65 1.80 8.96 1.96
C THR A 65 1.86 8.84 3.48
N TYR A 66 2.44 7.75 4.01
CA TYR A 66 2.49 7.52 5.48
C TYR A 66 3.81 8.06 6.02
N PRO A 67 3.81 9.08 6.91
CA PRO A 67 5.06 9.68 7.40
C PRO A 67 5.76 8.86 8.50
N VAL A 68 7.05 8.62 8.28
CA VAL A 68 7.93 7.98 9.29
C VAL A 68 8.89 9.04 9.78
N ILE A 69 8.79 9.41 11.07
CA ILE A 69 9.61 10.49 11.67
C ILE A 69 10.80 9.74 12.33
N HIS A 70 11.99 9.81 11.75
CA HIS A 70 13.19 9.14 12.33
C HIS A 70 13.76 10.04 13.40
N ALA A 71 13.61 9.66 14.66
CA ALA A 71 14.08 10.44 15.83
C ALA A 71 15.29 9.74 16.47
N VAL A 72 16.41 10.45 16.54
CA VAL A 72 17.69 9.85 17.01
C VAL A 72 18.01 10.30 18.45
N GLY A 73 17.66 9.45 19.40
CA GLY A 73 18.03 9.62 20.79
C GLY A 73 19.51 9.26 20.99
N PRO A 74 20.13 9.82 22.01
CA PRO A 74 21.51 9.48 22.37
C PRO A 74 21.66 8.05 22.86
N ASN A 75 22.82 7.45 22.54
CA ASN A 75 23.22 6.17 23.17
C ASN A 75 23.99 6.50 24.45
N PHE A 76 23.41 6.24 25.60
CA PHE A 76 23.94 6.57 26.95
C PHE A 76 25.19 5.73 27.24
N SER A 77 25.54 4.79 26.37
CA SER A 77 26.89 4.15 26.45
C SER A 77 27.97 5.18 26.12
N ASN A 78 27.69 6.14 25.24
CA ASN A 78 28.70 7.04 24.65
C ASN A 78 28.65 8.43 25.27
N TYR A 79 27.46 8.88 25.67
CA TYR A 79 27.23 10.24 26.21
C TYR A 79 27.36 10.18 27.75
N THR A 80 27.76 11.28 28.34
CA THR A 80 27.63 11.54 29.79
C THR A 80 26.14 11.59 30.14
N GLU A 81 25.78 11.33 31.38
CA GLU A 81 24.36 11.53 31.82
C GLU A 81 23.86 12.92 31.45
N SER A 82 24.64 13.98 31.69
CA SER A 82 24.23 15.38 31.45
C SER A 82 24.00 15.66 29.95
N GLU A 83 24.97 15.32 29.11
CA GLU A 83 24.87 15.61 27.66
C GLU A 83 23.77 14.73 27.05
N GLY A 84 23.67 13.49 27.49
CA GLY A 84 22.67 12.53 26.99
C GLY A 84 21.28 13.05 27.34
N ASP A 85 21.09 13.52 28.56
CA ASP A 85 19.79 14.11 28.94
C ASP A 85 19.43 15.25 28.00
N ARG A 86 20.36 16.15 27.66
CA ARG A 86 20.13 17.32 26.79
C ARG A 86 19.72 16.82 25.39
N GLU A 87 20.42 15.81 24.87
CA GLU A 87 20.14 15.38 23.48
C GLU A 87 18.79 14.64 23.43
N LEU A 88 18.42 13.94 24.50
CA LEU A 88 17.16 13.14 24.53
C LEU A 88 15.98 14.13 24.56
N ALA A 89 16.05 15.16 25.40
CA ALA A 89 15.06 16.26 25.39
C ALA A 89 14.99 16.87 23.99
N ALA A 90 16.12 17.17 23.33
CA ALA A 90 16.11 17.82 22.01
C ALA A 90 15.43 16.92 20.94
N ALA A 91 15.74 15.61 20.91
CA ALA A 91 15.11 14.70 19.93
C ALA A 91 13.59 14.84 20.03
N TYR A 92 13.04 14.79 21.25
CA TYR A 92 11.57 14.90 21.37
C TYR A 92 11.07 16.28 20.94
N ARG A 93 11.78 17.38 21.23
CA ARG A 93 11.35 18.72 20.72
C ARG A 93 11.27 18.67 19.19
N GLU A 94 12.22 18.03 18.49
CA GLU A 94 12.18 17.93 17.03
C GLU A 94 11.00 17.05 16.60
N VAL A 95 10.63 16.01 17.32
CA VAL A 95 9.45 15.21 16.96
C VAL A 95 8.20 16.09 17.03
N ALA A 96 8.06 16.89 18.07
CA ALA A 96 6.87 17.78 18.20
C ALA A 96 6.79 18.74 17.01
N LYS A 97 7.91 19.31 16.57
CA LYS A 97 7.94 20.20 15.38
C LYS A 97 7.46 19.44 14.14
N GLU A 98 7.95 18.22 13.93
CA GLU A 98 7.55 17.44 12.74
C GLU A 98 6.06 17.07 12.78
N VAL A 99 5.56 16.56 13.92
CA VAL A 99 4.14 16.19 14.10
C VAL A 99 3.30 17.44 13.74
N THR A 100 3.72 18.58 14.23
CA THR A 100 2.95 19.85 13.98
C THR A 100 2.96 20.18 12.49
N ARG A 101 4.13 20.15 11.87
CA ARG A 101 4.31 20.49 10.44
C ARG A 101 3.46 19.57 9.56
N LEU A 102 3.35 18.28 9.88
CA LEU A 102 2.68 17.27 9.07
C LEU A 102 1.16 17.48 9.13
N GLY A 103 0.66 18.10 10.20
CA GLY A 103 -0.79 18.35 10.36
C GLY A 103 -1.57 17.08 10.68
N VAL A 104 -0.88 16.03 11.17
CA VAL A 104 -1.55 14.78 11.57
C VAL A 104 -2.43 15.00 12.83
N ASN A 105 -3.44 14.19 12.98
CA ASN A 105 -4.29 14.20 14.18
C ASN A 105 -3.85 13.14 15.19
N SER A 106 -2.90 12.26 14.85
CA SER A 106 -2.46 11.17 15.77
C SER A 106 -1.04 10.74 15.38
N VAL A 107 -0.29 10.26 16.36
CA VAL A 107 1.11 9.81 16.19
C VAL A 107 1.37 8.63 17.13
N ALA A 108 2.05 7.60 16.64
CA ALA A 108 2.55 6.44 17.40
C ALA A 108 4.02 6.73 17.77
N ILE A 109 4.38 6.61 19.05
N ILE A 109 4.37 6.72 19.07
CA ILE A 109 5.75 7.01 19.52
CA ILE A 109 5.73 7.07 19.58
C ILE A 109 6.28 6.02 20.54
C ILE A 109 6.24 5.94 20.47
N PRO A 110 7.53 5.54 20.33
CA PRO A 110 8.21 4.70 21.32
C PRO A 110 8.95 5.59 22.34
N LEU A 111 9.38 5.03 23.49
CA LEU A 111 10.21 5.81 24.44
C LEU A 111 11.68 5.77 23.95
N LEU A 112 12.20 6.90 23.51
CA LEU A 112 13.58 7.01 22.97
C LEU A 112 14.59 6.70 24.07
N SER A 113 15.80 6.24 23.67
CA SER A 113 16.98 6.04 24.55
C SER A 113 16.66 5.10 25.73
N THR A 114 15.70 4.20 25.55
CA THR A 114 15.49 3.01 26.43
C THR A 114 16.19 1.85 25.71
N GLY A 115 16.06 0.63 26.19
CA GLY A 115 16.65 -0.55 25.54
C GLY A 115 18.12 -0.34 25.16
N VAL A 116 18.49 -0.71 23.94
CA VAL A 116 19.91 -0.76 23.46
C VAL A 116 20.65 0.55 23.78
N TYR A 117 20.00 1.72 23.66
CA TYR A 117 20.67 3.03 23.89
C TYR A 117 20.60 3.52 25.36
N SER A 118 20.06 2.71 26.28
CA SER A 118 19.84 3.09 27.70
C SER A 118 21.16 3.15 28.48
N GLY A 119 22.20 2.49 27.97
CA GLY A 119 23.47 2.32 28.73
C GLY A 119 23.24 1.48 29.99
N GLY A 120 22.30 0.52 29.89
CA GLY A 120 21.94 -0.47 30.92
C GLY A 120 21.16 0.11 32.09
N LYS A 121 20.50 1.28 31.95
CA LYS A 121 19.76 1.93 33.05
C LYS A 121 18.27 1.98 32.68
N ASP A 122 17.42 1.96 33.69
CA ASP A 122 15.95 2.17 33.55
C ASP A 122 15.75 3.66 33.33
N ARG A 123 15.31 4.04 32.12
CA ARG A 123 15.08 5.46 31.77
C ARG A 123 13.60 5.69 31.41
N LEU A 124 12.68 4.85 31.88
CA LEU A 124 11.22 5.05 31.61
C LEU A 124 10.84 6.48 31.98
N THR A 125 11.00 6.86 33.25
CA THR A 125 10.54 8.17 33.74
C THR A 125 11.27 9.30 33.01
N GLN A 126 12.58 9.19 32.82
CA GLN A 126 13.37 10.29 32.17
C GLN A 126 12.86 10.49 30.74
N SER A 127 12.68 9.39 30.03
CA SER A 127 12.32 9.46 28.60
C SER A 127 10.87 9.95 28.48
N LEU A 128 9.97 9.37 29.30
CA LEU A 128 8.52 9.75 29.24
C LEU A 128 8.35 11.23 29.60
N ASN A 129 9.07 11.74 30.61
CA ASN A 129 8.92 13.16 31.01
C ASN A 129 9.40 14.05 29.87
N HIS A 130 10.45 13.68 29.15
CA HIS A 130 10.88 14.50 28.00
C HIS A 130 9.85 14.44 26.85
N LEU A 131 9.21 13.31 26.67
CA LEU A 131 8.12 13.14 25.68
C LEU A 131 7.01 14.13 26.06
N PHE A 132 6.59 14.10 27.31
CA PHE A 132 5.49 15.01 27.75
C PHE A 132 5.92 16.45 27.54
N THR A 133 7.13 16.85 27.93
CA THR A 133 7.56 18.27 27.82
C THR A 133 7.39 18.76 26.38
N ALA A 134 7.75 17.92 25.41
CA ALA A 134 7.68 18.26 23.98
C ALA A 134 6.24 18.23 23.47
N MET A 135 5.48 17.20 23.80
CA MET A 135 4.22 16.89 23.10
C MET A 135 3.03 17.58 23.80
N ASP A 136 3.22 18.13 24.99
CA ASP A 136 2.05 18.70 25.74
C ASP A 136 1.44 19.87 24.98
N SER A 137 2.21 20.63 24.22
CA SER A 137 1.72 21.82 23.50
C SER A 137 1.20 21.45 22.12
N THR A 138 1.30 20.17 21.72
CA THR A 138 0.73 19.72 20.42
C THR A 138 -0.72 19.24 20.65
N ASP A 139 -1.55 19.22 19.60
CA ASP A 139 -2.95 18.78 19.70
C ASP A 139 -3.17 17.46 18.97
N ALA A 140 -2.10 16.70 18.69
CA ALA A 140 -2.27 15.32 18.18
C ALA A 140 -2.63 14.34 19.31
N ASP A 141 -3.44 13.33 19.04
CA ASP A 141 -3.58 12.15 19.92
C ASP A 141 -2.22 11.41 19.90
N VAL A 142 -1.61 11.21 21.06
CA VAL A 142 -0.31 10.52 21.18
C VAL A 142 -0.60 9.12 21.71
N VAL A 143 -0.07 8.12 21.06
CA VAL A 143 -0.19 6.70 21.49
C VAL A 143 1.23 6.17 21.67
N ILE A 144 1.58 5.89 22.91
CA ILE A 144 2.92 5.41 23.28
C ILE A 144 2.90 3.89 23.16
N TYR A 145 3.94 3.32 22.54
CA TYR A 145 4.04 1.85 22.33
C TYR A 145 5.19 1.33 23.16
N CYS A 146 4.94 0.24 23.86
CA CYS A 146 5.95 -0.45 24.71
C CYS A 146 5.79 -1.96 24.56
N ARG A 147 6.74 -2.75 25.09
CA ARG A 147 6.71 -4.24 24.95
C ARG A 147 6.56 -4.92 26.32
N ASP A 148 6.96 -4.25 27.40
CA ASP A 148 7.03 -4.86 28.75
C ASP A 148 5.74 -4.60 29.54
N LYS A 149 5.20 -5.62 30.21
CA LYS A 149 3.95 -5.52 31.00
C LYS A 149 4.11 -4.55 32.17
N GLU A 150 5.24 -4.56 32.90
CA GLU A 150 5.45 -3.61 34.03
C GLU A 150 5.59 -2.18 33.50
N TRP A 151 6.25 -1.99 32.36
CA TRP A 151 6.34 -0.65 31.72
C TRP A 151 4.96 -0.12 31.35
N GLU A 152 4.10 -0.96 30.76
CA GLU A 152 2.73 -0.55 30.37
C GLU A 152 2.03 0.02 31.61
N LYS A 153 2.11 -0.67 32.77
CA LYS A 153 1.40 -0.25 33.99
C LYS A 153 1.97 1.10 34.44
N LYS A 154 3.30 1.26 34.44
CA LYS A 154 3.95 2.49 34.92
C LYS A 154 3.65 3.68 33.99
N ILE A 155 3.66 3.45 32.68
CA ILE A 155 3.33 4.54 31.72
C ILE A 155 1.86 4.94 31.87
N SER A 156 0.97 3.96 32.02
CA SER A 156 -0.48 4.19 32.17
C SER A 156 -0.73 5.01 33.44
N GLU A 157 -0.04 4.66 34.52
CA GLU A 157 -0.15 5.39 35.81
C GLU A 157 0.31 6.83 35.65
N ALA A 158 1.44 7.08 34.97
CA ALA A 158 1.97 8.44 34.78
C ALA A 158 0.98 9.27 33.95
N ILE A 159 0.35 8.66 32.93
CA ILE A 159 -0.64 9.39 32.09
C ILE A 159 -1.82 9.78 33.00
N GLN A 160 -2.35 8.81 33.74
CA GLN A 160 -3.61 8.98 34.52
C GLN A 160 -3.37 9.99 35.65
N MET A 161 -2.15 10.08 36.19
CA MET A 161 -1.77 10.98 37.30
C MET A 161 -2.07 12.44 36.96
N ARG A 162 -1.85 12.85 35.71
CA ARG A 162 -1.94 14.26 35.26
C ARG A 162 -3.31 14.55 34.62
N THR A 163 -4.32 13.69 34.79
CA THR A 163 -5.69 13.83 34.19
C THR A 163 -6.73 14.14 35.27
N GLY B 1 -30.79 -4.39 15.33
CA GLY B 1 -30.76 -5.56 14.41
C GLY B 1 -30.69 -5.14 12.95
N ALA B 2 -30.33 -6.07 12.07
CA ALA B 2 -30.35 -5.88 10.60
C ALA B 2 -31.82 -5.82 10.15
N MET B 3 -32.14 -5.03 9.11
CA MET B 3 -33.56 -4.77 8.75
C MET B 3 -34.21 -6.10 8.34
N ALA B 4 -33.42 -6.96 7.70
CA ALA B 4 -33.84 -8.32 7.34
C ALA B 4 -32.70 -9.27 7.67
N PRO B 5 -32.61 -9.76 8.93
CA PRO B 5 -31.50 -10.62 9.35
C PRO B 5 -31.21 -11.73 8.32
N SER B 6 -29.94 -11.84 7.90
CA SER B 6 -29.46 -12.81 6.90
C SER B 6 -28.23 -13.56 7.42
N TYR B 7 -27.96 -14.65 6.74
CA TYR B 7 -26.66 -15.38 6.68
C TYR B 7 -26.03 -15.16 5.30
N ARG B 8 -24.73 -14.85 5.27
CA ARG B 8 -23.91 -14.76 4.02
C ARG B 8 -22.56 -15.46 4.25
N VAL B 9 -21.93 -15.94 3.19
CA VAL B 9 -20.56 -16.54 3.27
C VAL B 9 -19.58 -15.72 2.40
N LYS B 10 -18.35 -15.51 2.88
CA LYS B 10 -17.28 -14.82 2.10
C LYS B 10 -16.03 -15.67 2.22
N ARG B 11 -15.30 -15.89 1.12
CA ARG B 11 -14.04 -16.69 1.11
C ARG B 11 -12.84 -15.74 1.11
N MET B 12 -12.31 -15.40 2.28
CA MET B 12 -11.22 -14.42 2.48
C MET B 12 -10.84 -14.42 3.95
N ASP B 13 -9.73 -13.74 4.23
CA ASP B 13 -9.17 -13.45 5.58
C ASP B 13 -10.20 -12.62 6.37
N ILE B 14 -10.65 -13.18 7.48
CA ILE B 14 -11.66 -12.58 8.36
C ILE B 14 -11.04 -11.34 9.04
N ALA B 15 -9.72 -11.13 8.97
CA ALA B 15 -9.11 -9.87 9.53
C ALA B 15 -9.49 -8.65 8.65
N LYS B 16 -9.92 -8.86 7.42
CA LYS B 16 -10.37 -7.79 6.48
C LYS B 16 -11.90 -7.70 6.45
N ASN B 17 -12.60 -8.24 7.46
CA ASN B 17 -14.09 -8.22 7.48
C ASN B 17 -14.59 -6.78 7.44
N ASP B 18 -15.80 -6.62 6.90
CA ASP B 18 -16.61 -5.38 6.76
C ASP B 18 -17.70 -5.34 7.86
N GLU B 19 -17.61 -6.14 8.94
CA GLU B 19 -18.70 -6.24 9.94
C GLU B 19 -18.38 -5.46 11.19
N GLU B 20 -19.38 -5.29 12.05
CA GLU B 20 -19.28 -4.44 13.26
C GLU B 20 -18.49 -5.18 14.35
N CYS B 21 -18.19 -6.47 14.12
CA CYS B 21 -17.39 -7.26 15.08
C CYS B 21 -16.95 -8.60 14.46
N VAL B 22 -15.94 -9.20 15.12
CA VAL B 22 -15.30 -10.43 14.62
C VAL B 22 -15.28 -11.50 15.73
N VAL B 23 -15.50 -12.75 15.30
CA VAL B 23 -15.28 -13.95 16.16
C VAL B 23 -13.94 -14.57 15.78
N ASN B 24 -13.06 -14.63 16.75
CA ASN B 24 -11.76 -15.33 16.63
C ASN B 24 -12.00 -16.81 17.00
N ALA B 25 -11.43 -17.70 16.23
CA ALA B 25 -11.34 -19.13 16.57
C ALA B 25 -10.13 -19.27 17.51
N ALA B 26 -10.32 -18.96 18.78
CA ALA B 26 -9.27 -18.77 19.79
C ALA B 26 -8.76 -20.09 20.37
N ASN B 27 -7.56 -20.05 20.94
CA ASN B 27 -7.11 -21.07 21.89
C ASN B 27 -7.44 -20.63 23.31
N PRO B 28 -7.43 -21.53 24.30
CA PRO B 28 -7.79 -21.18 25.68
C PRO B 28 -6.83 -20.18 26.35
N ARG B 29 -5.62 -20.04 25.83
CA ARG B 29 -4.56 -19.34 26.59
C ARG B 29 -4.33 -17.93 26.03
N GLY B 30 -5.08 -17.54 25.00
CA GLY B 30 -4.93 -16.23 24.34
C GLY B 30 -3.59 -16.10 23.65
N LEU B 31 -3.08 -17.20 23.12
CA LEU B 31 -1.83 -17.20 22.32
C LEU B 31 -2.14 -16.94 20.85
N PRO B 32 -1.17 -16.47 20.02
CA PRO B 32 -1.39 -16.22 18.60
C PRO B 32 -1.89 -17.33 17.64
N GLY B 33 -1.48 -18.57 17.86
CA GLY B 33 -2.14 -19.73 17.23
C GLY B 33 -1.91 -19.87 15.73
N ASP B 34 -2.80 -20.61 15.06
CA ASP B 34 -2.72 -20.96 13.62
C ASP B 34 -4.00 -20.48 12.92
N GLY B 35 -4.01 -20.53 11.58
CA GLY B 35 -5.18 -20.23 10.75
C GLY B 35 -5.81 -18.90 11.12
N VAL B 36 -7.13 -18.88 11.36
CA VAL B 36 -7.90 -17.67 11.68
C VAL B 36 -7.26 -16.89 12.85
N CYS B 37 -6.82 -17.58 13.91
CA CYS B 37 -6.29 -16.94 15.11
C CYS B 37 -5.06 -16.13 14.71
N LYS B 38 -4.23 -16.70 13.83
CA LYS B 38 -2.98 -16.02 13.43
C LYS B 38 -3.36 -14.76 12.65
N ALA B 39 -4.33 -14.88 11.73
CA ALA B 39 -4.90 -13.78 10.91
C ALA B 39 -5.41 -12.67 11.84
N VAL B 40 -6.09 -13.01 12.94
CA VAL B 40 -6.63 -12.05 13.95
C VAL B 40 -5.53 -11.42 14.81
N TYR B 41 -4.47 -12.16 15.19
CA TYR B 41 -3.40 -11.62 16.06
C TYR B 41 -2.60 -10.56 15.28
N LYS B 42 -2.57 -10.71 13.97
CA LYS B 42 -1.73 -9.84 13.11
C LYS B 42 -2.31 -8.42 13.21
N LYS B 43 -3.61 -8.28 13.46
CA LYS B 43 -4.28 -6.95 13.44
C LYS B 43 -4.65 -6.44 14.84
N TRP B 44 -5.14 -7.32 15.73
CA TRP B 44 -5.71 -6.97 17.03
C TRP B 44 -4.95 -7.63 18.15
N PRO B 45 -3.59 -7.53 18.19
CA PRO B 45 -2.86 -8.18 19.25
C PRO B 45 -3.29 -7.68 20.61
N GLU B 46 -3.59 -6.38 20.76
CA GLU B 46 -3.99 -5.84 22.10
C GLU B 46 -5.39 -6.38 22.45
N SER B 47 -6.10 -6.91 21.48
CA SER B 47 -7.31 -7.74 21.75
C SER B 47 -6.96 -9.06 22.45
N PHE B 48 -5.69 -9.49 22.47
CA PHE B 48 -5.27 -10.69 23.21
C PHE B 48 -4.93 -10.37 24.67
N LYS B 49 -5.02 -9.10 25.12
CA LYS B 49 -4.80 -8.76 26.54
C LYS B 49 -5.91 -9.42 27.34
N ASN B 50 -5.54 -10.37 28.17
CA ASN B 50 -6.42 -11.04 29.16
C ASN B 50 -7.57 -11.71 28.39
N SER B 51 -7.28 -12.25 27.22
CA SER B 51 -8.29 -12.96 26.39
C SER B 51 -8.38 -14.45 26.75
N ALA B 52 -7.47 -15.01 27.55
CA ALA B 52 -7.52 -16.43 27.97
C ALA B 52 -8.89 -16.78 28.57
N THR B 53 -9.53 -17.86 28.11
CA THR B 53 -10.88 -18.27 28.60
C THR B 53 -11.01 -19.77 28.37
N PRO B 54 -11.83 -20.50 29.13
CA PRO B 54 -11.94 -21.94 29.00
C PRO B 54 -12.59 -22.37 27.68
N VAL B 55 -12.34 -23.63 27.34
CA VAL B 55 -13.06 -24.31 26.22
C VAL B 55 -14.57 -24.21 26.45
N GLY B 56 -15.31 -23.91 25.38
CA GLY B 56 -16.76 -23.80 25.43
C GLY B 56 -17.24 -22.41 25.79
N THR B 57 -16.35 -21.44 25.89
CA THR B 57 -16.71 -20.05 26.24
C THR B 57 -16.24 -19.03 25.21
N ALA B 58 -16.77 -17.84 25.36
CA ALA B 58 -16.36 -16.67 24.56
C ALA B 58 -16.05 -15.51 25.49
N LYS B 59 -14.95 -14.82 25.20
CA LYS B 59 -14.50 -13.61 25.94
C LYS B 59 -14.27 -12.48 24.94
N THR B 60 -14.95 -11.32 25.11
CA THR B 60 -14.82 -10.17 24.20
C THR B 60 -13.82 -9.15 24.78
N VAL B 61 -12.88 -8.77 23.94
CA VAL B 61 -11.90 -7.70 24.25
C VAL B 61 -12.11 -6.61 23.23
N MET B 62 -12.38 -5.41 23.76
CA MET B 62 -12.60 -4.18 22.99
C MET B 62 -11.23 -3.62 22.62
N CYS B 63 -11.02 -3.44 21.32
CA CYS B 63 -9.99 -2.55 20.73
C CYS B 63 -10.66 -1.23 20.34
N GLY B 64 -10.67 -0.26 21.28
CA GLY B 64 -11.42 0.99 21.13
C GLY B 64 -12.91 0.72 21.04
N THR B 65 -13.48 0.82 19.83
CA THR B 65 -14.93 0.60 19.58
C THR B 65 -15.17 -0.81 19.03
N TYR B 66 -14.14 -1.43 18.43
CA TYR B 66 -14.26 -2.71 17.68
C TYR B 66 -14.15 -3.92 18.62
N PRO B 67 -15.21 -4.75 18.73
CA PRO B 67 -15.20 -5.95 19.54
C PRO B 67 -14.60 -7.17 18.82
N VAL B 68 -13.67 -7.84 19.50
CA VAL B 68 -13.12 -9.16 19.09
C VAL B 68 -13.65 -10.21 20.07
N ILE B 69 -14.49 -11.12 19.58
CA ILE B 69 -15.11 -12.18 20.42
C ILE B 69 -14.24 -13.46 20.30
N HIS B 70 -13.45 -13.70 21.34
CA HIS B 70 -12.56 -14.91 21.37
C HIS B 70 -13.41 -16.12 21.77
N ALA B 71 -13.70 -16.99 20.78
CA ALA B 71 -14.57 -18.19 20.99
C ALA B 71 -13.68 -19.44 20.98
N VAL B 72 -13.68 -20.18 22.08
CA VAL B 72 -12.77 -21.36 22.25
C VAL B 72 -13.54 -22.66 21.97
N GLY B 73 -13.41 -23.16 20.75
CA GLY B 73 -13.90 -24.50 20.38
C GLY B 73 -12.95 -25.58 20.90
N PRO B 74 -13.47 -26.80 21.08
CA PRO B 74 -12.67 -27.92 21.57
C PRO B 74 -11.69 -28.40 20.49
N ASN B 75 -10.54 -28.89 20.96
CA ASN B 75 -9.58 -29.63 20.12
C ASN B 75 -9.98 -31.11 20.14
N PHE B 76 -10.53 -31.60 19.05
CA PHE B 76 -11.01 -33.00 18.91
C PHE B 76 -9.82 -33.97 18.94
N SER B 77 -8.58 -33.52 18.89
CA SER B 77 -7.44 -34.43 19.23
C SER B 77 -7.50 -34.81 20.72
N ASN B 78 -8.06 -33.97 21.58
CA ASN B 78 -8.03 -34.12 23.05
C ASN B 78 -9.39 -34.56 23.60
N TYR B 79 -10.48 -34.06 23.03
CA TYR B 79 -11.88 -34.35 23.47
C TYR B 79 -12.39 -35.59 22.74
N THR B 80 -13.24 -36.38 23.39
CA THR B 80 -14.04 -37.39 22.70
C THR B 80 -15.08 -36.76 21.79
N GLU B 81 -15.61 -37.51 20.86
CA GLU B 81 -16.66 -36.99 19.95
C GLU B 81 -17.81 -36.47 20.82
N SER B 82 -18.20 -37.20 21.85
CA SER B 82 -19.37 -36.82 22.69
C SER B 82 -19.06 -35.52 23.44
N GLU B 83 -17.93 -35.44 24.11
CA GLU B 83 -17.65 -34.28 24.99
C GLU B 83 -17.33 -33.07 24.11
N GLY B 84 -16.64 -33.28 23.01
CA GLY B 84 -16.35 -32.23 22.01
C GLY B 84 -17.61 -31.65 21.42
N ASP B 85 -18.58 -32.49 21.08
CA ASP B 85 -19.82 -31.97 20.46
C ASP B 85 -20.50 -31.01 21.43
N ARG B 86 -20.50 -31.32 22.71
CA ARG B 86 -21.16 -30.47 23.72
C ARG B 86 -20.40 -29.14 23.82
N GLU B 87 -19.06 -29.16 23.90
CA GLU B 87 -18.26 -27.93 24.06
C GLU B 87 -18.38 -27.05 22.81
N LEU B 88 -18.50 -27.64 21.64
CA LEU B 88 -18.58 -26.87 20.37
C LEU B 88 -19.93 -26.16 20.31
N ALA B 89 -21.01 -26.84 20.70
CA ALA B 89 -22.33 -26.20 20.84
C ALA B 89 -22.24 -25.05 21.83
N ALA B 90 -21.60 -25.26 22.98
CA ALA B 90 -21.51 -24.26 24.05
C ALA B 90 -20.78 -23.01 23.55
N ALA B 91 -19.66 -23.17 22.86
CA ALA B 91 -18.88 -22.01 22.38
C ALA B 91 -19.80 -21.15 21.52
N TYR B 92 -20.54 -21.75 20.61
CA TYR B 92 -21.42 -20.97 19.72
C TYR B 92 -22.55 -20.33 20.54
N ARG B 93 -23.11 -21.01 21.53
CA ARG B 93 -24.15 -20.35 22.37
C ARG B 93 -23.58 -19.09 23.05
N GLU B 94 -22.33 -19.13 23.54
N GLU B 94 -22.32 -19.14 23.49
CA GLU B 94 -21.69 -17.94 24.17
CA GLU B 94 -21.70 -17.97 24.16
C GLU B 94 -21.48 -16.84 23.10
C GLU B 94 -21.41 -16.86 23.14
N VAL B 95 -21.12 -17.21 21.87
CA VAL B 95 -20.97 -16.21 20.80
C VAL B 95 -22.32 -15.49 20.58
N ALA B 96 -23.45 -16.21 20.55
CA ALA B 96 -24.78 -15.59 20.33
C ALA B 96 -25.08 -14.62 21.47
N LYS B 97 -24.81 -14.98 22.72
CA LYS B 97 -25.02 -14.10 23.89
C LYS B 97 -24.18 -12.83 23.75
N GLU B 98 -22.92 -12.95 23.34
CA GLU B 98 -22.03 -11.76 23.24
C GLU B 98 -22.53 -10.85 22.13
N VAL B 99 -22.82 -11.41 20.95
CA VAL B 99 -23.31 -10.63 19.79
C VAL B 99 -24.57 -9.88 20.24
N THR B 100 -25.45 -10.52 21.00
CA THR B 100 -26.70 -9.87 21.48
C THR B 100 -26.30 -8.73 22.42
N ARG B 101 -25.43 -9.00 23.37
CA ARG B 101 -25.04 -8.00 24.41
C ARG B 101 -24.44 -6.77 23.74
N LEU B 102 -23.64 -6.95 22.71
CA LEU B 102 -22.86 -5.88 22.03
C LEU B 102 -23.78 -4.96 21.23
N GLY B 103 -24.96 -5.45 20.84
CA GLY B 103 -25.97 -4.70 20.08
C GLY B 103 -25.53 -4.42 18.65
N VAL B 104 -24.60 -5.21 18.12
CA VAL B 104 -24.11 -5.08 16.72
C VAL B 104 -25.21 -5.50 15.74
N ASN B 105 -25.18 -4.97 14.53
CA ASN B 105 -26.11 -5.36 13.46
C ASN B 105 -25.45 -6.35 12.50
N SER B 106 -24.16 -6.63 12.67
CA SER B 106 -23.44 -7.62 11.84
C SER B 106 -22.27 -8.23 12.63
N VAL B 107 -21.87 -9.42 12.20
CA VAL B 107 -20.76 -10.22 12.81
C VAL B 107 -20.17 -11.14 11.73
N ALA B 108 -18.83 -11.19 11.74
CA ALA B 108 -17.98 -12.09 10.94
C ALA B 108 -17.62 -13.28 11.84
N ILE B 109 -17.92 -14.49 11.41
N ILE B 109 -17.97 -14.48 11.41
CA ILE B 109 -17.70 -15.70 12.25
CA ILE B 109 -17.82 -15.76 12.17
C ILE B 109 -17.10 -16.81 11.39
C ILE B 109 -17.05 -16.77 11.33
N PRO B 110 -16.03 -17.47 11.87
CA PRO B 110 -15.46 -18.64 11.19
C PRO B 110 -16.10 -19.93 11.72
N LEU B 111 -15.88 -21.07 11.06
CA LEU B 111 -16.38 -22.37 11.57
C LEU B 111 -15.40 -22.90 12.62
N LEU B 112 -15.81 -22.86 13.88
CA LEU B 112 -15.00 -23.36 15.01
C LEU B 112 -14.74 -24.85 14.85
N SER B 113 -13.53 -25.21 15.28
CA SER B 113 -13.04 -26.61 15.41
C SER B 113 -12.92 -27.28 14.03
N THR B 114 -12.75 -26.53 12.92
CA THR B 114 -12.71 -27.12 11.53
C THR B 114 -11.27 -27.19 10.98
N GLY B 115 -10.32 -26.53 11.63
CA GLY B 115 -8.92 -26.53 11.14
C GLY B 115 -8.04 -27.44 11.99
N VAL B 116 -7.00 -26.90 12.62
CA VAL B 116 -6.07 -27.73 13.45
C VAL B 116 -6.78 -28.28 14.70
N TYR B 117 -7.98 -27.85 15.08
CA TYR B 117 -8.74 -28.52 16.18
C TYR B 117 -9.70 -29.61 15.67
N SER B 118 -9.72 -29.97 14.38
CA SER B 118 -10.69 -30.94 13.82
C SER B 118 -10.38 -32.41 14.19
N GLY B 119 -9.16 -32.71 14.63
CA GLY B 119 -8.76 -34.09 14.92
C GLY B 119 -8.66 -34.87 13.62
N GLY B 120 -8.38 -34.19 12.52
CA GLY B 120 -8.25 -34.80 11.18
C GLY B 120 -9.57 -35.16 10.51
N LYS B 121 -10.73 -34.70 11.01
CA LYS B 121 -12.06 -35.03 10.44
C LYS B 121 -12.66 -33.78 9.76
N ASP B 122 -13.43 -33.99 8.70
CA ASP B 122 -14.24 -32.94 8.02
C ASP B 122 -15.42 -32.58 8.93
N ARG B 123 -15.43 -31.37 9.51
CA ARG B 123 -16.47 -31.00 10.52
C ARG B 123 -17.32 -29.82 9.99
N LEU B 124 -17.37 -29.59 8.68
CA LEU B 124 -18.10 -28.42 8.14
C LEU B 124 -19.56 -28.52 8.62
N THR B 125 -20.24 -29.63 8.34
CA THR B 125 -21.69 -29.82 8.66
C THR B 125 -21.92 -29.72 10.16
N GLN B 126 -21.10 -30.38 10.96
CA GLN B 126 -21.20 -30.35 12.43
C GLN B 126 -21.09 -28.90 12.94
N SER B 127 -20.05 -28.20 12.55
CA SER B 127 -19.73 -26.86 13.08
C SER B 127 -20.81 -25.90 12.55
N LEU B 128 -21.18 -25.98 11.27
CA LEU B 128 -22.22 -25.07 10.73
C LEU B 128 -23.57 -25.33 11.43
N ASN B 129 -23.92 -26.56 11.72
CA ASN B 129 -25.21 -26.90 12.42
C ASN B 129 -25.19 -26.21 13.79
N HIS B 130 -24.08 -26.27 14.53
CA HIS B 130 -24.02 -25.63 15.87
C HIS B 130 -24.09 -24.10 15.73
N LEU B 131 -23.52 -23.57 14.66
CA LEU B 131 -23.51 -22.11 14.40
C LEU B 131 -24.95 -21.67 14.19
N PHE B 132 -25.66 -22.34 13.29
CA PHE B 132 -27.09 -22.02 13.09
C PHE B 132 -27.89 -22.18 14.38
N THR B 133 -27.73 -23.28 15.13
CA THR B 133 -28.56 -23.53 16.34
C THR B 133 -28.44 -22.32 17.30
N ALA B 134 -27.23 -21.75 17.43
CA ALA B 134 -26.96 -20.62 18.32
C ALA B 134 -27.44 -19.31 17.69
N MET B 135 -27.14 -19.06 16.42
CA MET B 135 -27.28 -17.72 15.83
C MET B 135 -28.70 -17.53 15.28
N ASP B 136 -29.51 -18.57 15.13
CA ASP B 136 -30.83 -18.43 14.43
C ASP B 136 -31.72 -17.44 15.19
N SER B 137 -31.64 -17.41 16.52
CA SER B 137 -32.49 -16.52 17.36
C SER B 137 -31.96 -15.08 17.45
N THR B 138 -30.77 -14.78 16.91
CA THR B 138 -30.19 -13.42 16.93
C THR B 138 -30.65 -12.67 15.66
N ASP B 139 -30.67 -11.33 15.70
CA ASP B 139 -31.09 -10.55 14.51
C ASP B 139 -29.92 -9.87 13.84
N ALA B 140 -28.68 -10.24 14.17
CA ALA B 140 -27.53 -9.65 13.47
C ALA B 140 -27.40 -10.30 12.09
N ASP B 141 -26.93 -9.52 11.10
CA ASP B 141 -26.42 -10.12 9.86
C ASP B 141 -25.15 -10.92 10.18
N VAL B 142 -25.20 -12.20 9.85
CA VAL B 142 -24.05 -13.11 10.06
C VAL B 142 -23.34 -13.34 8.73
N VAL B 143 -22.03 -13.09 8.75
CA VAL B 143 -21.11 -13.35 7.63
C VAL B 143 -20.10 -14.43 8.07
N ILE B 144 -20.26 -15.59 7.46
CA ILE B 144 -19.40 -16.78 7.70
C ILE B 144 -18.18 -16.68 6.78
N TYR B 145 -16.98 -16.74 7.34
CA TYR B 145 -15.70 -16.68 6.57
C TYR B 145 -15.15 -18.10 6.43
N CYS B 146 -14.62 -18.40 5.25
CA CYS B 146 -13.90 -19.66 4.97
C CYS B 146 -12.77 -19.34 3.96
N ARG B 147 -11.88 -20.30 3.70
CA ARG B 147 -10.75 -20.09 2.75
C ARG B 147 -10.88 -21.03 1.55
N ASP B 148 -11.51 -22.18 1.73
CA ASP B 148 -11.59 -23.27 0.73
C ASP B 148 -12.75 -23.02 -0.23
N LYS B 149 -12.49 -23.09 -1.54
CA LYS B 149 -13.53 -22.82 -2.57
C LYS B 149 -14.64 -23.89 -2.50
N GLU B 150 -14.34 -25.16 -2.21
CA GLU B 150 -15.38 -26.23 -2.09
C GLU B 150 -16.19 -25.99 -0.79
N TRP B 151 -15.52 -25.51 0.26
CA TRP B 151 -16.23 -25.22 1.55
C TRP B 151 -17.22 -24.05 1.32
N GLU B 152 -16.74 -22.96 0.71
CA GLU B 152 -17.62 -21.81 0.33
C GLU B 152 -18.88 -22.34 -0.36
N LYS B 153 -18.72 -23.24 -1.32
CA LYS B 153 -19.87 -23.80 -2.07
C LYS B 153 -20.83 -24.51 -1.11
N LYS B 154 -20.32 -25.36 -0.22
CA LYS B 154 -21.19 -26.18 0.66
C LYS B 154 -21.85 -25.30 1.73
N ILE B 155 -21.18 -24.25 2.22
CA ILE B 155 -21.76 -23.31 3.24
C ILE B 155 -22.88 -22.51 2.54
N SER B 156 -22.56 -21.93 1.38
CA SER B 156 -23.53 -21.19 0.54
C SER B 156 -24.75 -22.07 0.32
N GLU B 157 -24.55 -23.34 -0.01
CA GLU B 157 -25.66 -24.27 -0.36
C GLU B 157 -26.55 -24.50 0.87
N ALA B 158 -25.92 -24.74 2.01
CA ALA B 158 -26.64 -24.99 3.28
C ALA B 158 -27.49 -23.76 3.62
N ILE B 159 -26.99 -22.53 3.42
CA ILE B 159 -27.74 -21.27 3.74
C ILE B 159 -29.02 -21.24 2.89
N GLN B 160 -28.85 -21.35 1.56
CA GLN B 160 -29.92 -21.17 0.54
C GLN B 160 -31.03 -22.20 0.72
N MET B 161 -30.68 -23.41 1.16
CA MET B 161 -31.60 -24.55 1.32
C MET B 161 -32.65 -24.30 2.42
N ARG B 162 -32.41 -23.36 3.33
CA ARG B 162 -33.25 -23.20 4.55
C ARG B 162 -34.37 -22.19 4.30
N THR B 163 -34.24 -21.42 3.21
CA THR B 163 -34.99 -20.18 2.88
C THR B 163 -35.89 -20.42 1.66
N GLY C 1 -1.28 3.54 -27.80
CA GLY C 1 -1.12 4.78 -26.93
C GLY C 1 -1.80 6.00 -27.51
N ALA C 2 -2.26 6.92 -26.66
CA ALA C 2 -2.69 8.27 -27.07
C ALA C 2 -1.49 8.99 -27.68
N MET C 3 -1.70 9.86 -28.66
CA MET C 3 -0.58 10.60 -29.31
C MET C 3 0.13 11.53 -28.30
N ALA C 4 -0.59 12.10 -27.34
CA ALA C 4 -0.05 13.02 -26.31
C ALA C 4 -0.77 12.72 -25.01
N PRO C 5 -0.39 11.61 -24.32
CA PRO C 5 -1.12 11.12 -23.14
C PRO C 5 -1.39 12.24 -22.15
N SER C 6 -2.63 12.35 -21.68
CA SER C 6 -3.09 13.43 -20.79
C SER C 6 -3.90 12.92 -19.62
N TYR C 7 -4.11 13.81 -18.64
CA TYR C 7 -5.10 13.68 -17.57
C TYR C 7 -6.20 14.73 -17.72
N ARG C 8 -7.44 14.36 -17.50
CA ARG C 8 -8.59 15.27 -17.50
C ARG C 8 -9.48 14.88 -16.34
N VAL C 9 -10.29 15.81 -15.86
CA VAL C 9 -11.35 15.49 -14.88
C VAL C 9 -12.71 15.94 -15.40
N LYS C 10 -13.71 15.12 -15.11
CA LYS C 10 -15.13 15.40 -15.44
C LYS C 10 -16.00 15.20 -14.20
N ARG C 11 -16.92 16.14 -13.98
CA ARG C 11 -17.98 16.01 -12.98
C ARG C 11 -19.22 15.41 -13.67
N MET C 12 -19.39 14.09 -13.60
CA MET C 12 -20.26 13.33 -14.52
C MET C 12 -20.36 11.90 -14.02
N ASP C 13 -21.47 11.23 -14.32
CA ASP C 13 -21.71 9.79 -14.04
C ASP C 13 -20.70 8.97 -14.84
N ILE C 14 -19.84 8.22 -14.17
CA ILE C 14 -18.81 7.39 -14.83
C ILE C 14 -19.52 6.33 -15.69
N ALA C 15 -20.78 6.01 -15.39
CA ALA C 15 -21.51 4.99 -16.18
C ALA C 15 -21.83 5.50 -17.59
N LYS C 16 -21.67 6.80 -17.83
N LYS C 16 -21.71 6.80 -17.84
CA LYS C 16 -21.90 7.48 -19.13
CA LYS C 16 -21.91 7.41 -19.18
C LYS C 16 -20.57 7.98 -19.70
C LYS C 16 -20.57 7.98 -19.70
N ASN C 17 -19.44 7.37 -19.32
CA ASN C 17 -18.13 7.83 -19.83
C ASN C 17 -17.96 7.71 -21.36
N ASP C 18 -17.00 8.43 -21.89
CA ASP C 18 -16.60 8.49 -23.32
C ASP C 18 -15.23 7.86 -23.56
N GLU C 19 -14.81 6.93 -22.72
CA GLU C 19 -13.51 6.25 -22.86
C GLU C 19 -13.63 4.79 -23.29
N GLU C 20 -12.48 4.18 -23.60
CA GLU C 20 -12.43 2.80 -24.17
C GLU C 20 -12.62 1.72 -23.10
N CYS C 21 -12.52 2.07 -21.84
CA CYS C 21 -12.75 1.13 -20.71
C CYS C 21 -13.02 1.92 -19.42
N VAL C 22 -13.53 1.23 -18.40
CA VAL C 22 -13.96 1.85 -17.14
C VAL C 22 -13.33 1.10 -15.97
N VAL C 23 -12.94 1.86 -14.95
CA VAL C 23 -12.56 1.29 -13.62
C VAL C 23 -13.74 1.37 -12.67
N ASN C 24 -14.13 0.19 -12.14
CA ASN C 24 -15.16 0.10 -11.09
C ASN C 24 -14.47 0.17 -9.72
N ALA C 25 -15.00 1.00 -8.84
CA ALA C 25 -14.57 0.98 -7.42
C ALA C 25 -15.30 -0.19 -6.74
N ALA C 26 -14.71 -1.36 -6.86
CA ALA C 26 -15.36 -2.66 -6.59
C ALA C 26 -15.23 -3.02 -5.10
N ASN C 27 -15.92 -4.10 -4.71
CA ASN C 27 -15.82 -4.72 -3.37
C ASN C 27 -15.25 -6.12 -3.60
N PRO C 28 -14.55 -6.71 -2.61
CA PRO C 28 -13.83 -7.95 -2.83
C PRO C 28 -14.74 -9.14 -3.24
N ARG C 29 -16.03 -9.04 -2.94
CA ARG C 29 -17.03 -10.12 -3.18
C ARG C 29 -17.56 -10.04 -4.63
N GLY C 30 -17.40 -8.92 -5.30
CA GLY C 30 -17.93 -8.77 -6.67
C GLY C 30 -19.43 -8.57 -6.66
N LEU C 31 -19.96 -7.94 -5.59
CA LEU C 31 -21.39 -7.59 -5.42
C LEU C 31 -21.70 -6.23 -6.04
N PRO C 32 -22.95 -6.04 -6.50
CA PRO C 32 -23.46 -4.73 -6.90
C PRO C 32 -23.07 -3.56 -5.98
N GLY C 33 -23.12 -3.73 -4.66
CA GLY C 33 -22.72 -2.67 -3.73
C GLY C 33 -23.59 -1.42 -3.89
N ASP C 34 -22.97 -0.24 -3.78
CA ASP C 34 -23.64 1.10 -3.88
C ASP C 34 -22.61 2.15 -4.33
N GLY C 35 -23.07 3.39 -4.50
CA GLY C 35 -22.25 4.48 -5.09
C GLY C 35 -21.96 4.21 -6.56
N VAL C 36 -20.71 4.41 -7.00
CA VAL C 36 -20.29 4.15 -8.41
C VAL C 36 -20.50 2.65 -8.70
N CYS C 37 -20.24 1.75 -7.74
CA CYS C 37 -20.33 0.27 -7.92
C CYS C 37 -21.75 -0.13 -8.36
N LYS C 38 -22.82 0.47 -7.81
CA LYS C 38 -24.24 0.14 -8.17
C LYS C 38 -24.57 0.63 -9.60
N ALA C 39 -24.37 1.90 -9.91
CA ALA C 39 -24.57 2.50 -11.25
C ALA C 39 -23.77 1.74 -12.32
N VAL C 40 -22.60 1.21 -11.96
CA VAL C 40 -21.72 0.40 -12.84
C VAL C 40 -22.40 -0.95 -13.05
N TYR C 41 -22.94 -1.55 -11.98
CA TYR C 41 -23.71 -2.82 -12.05
C TYR C 41 -24.90 -2.62 -12.99
N LYS C 42 -25.57 -1.47 -12.91
CA LYS C 42 -26.80 -1.23 -13.72
C LYS C 42 -26.41 -1.08 -15.20
N LYS C 43 -25.26 -0.45 -15.49
CA LYS C 43 -24.80 -0.24 -16.89
C LYS C 43 -24.20 -1.53 -17.46
N TRP C 44 -23.35 -2.21 -16.70
CA TRP C 44 -22.57 -3.36 -17.20
C TRP C 44 -22.74 -4.59 -16.31
N PRO C 45 -23.98 -5.08 -16.11
CA PRO C 45 -24.20 -6.21 -15.20
C PRO C 45 -23.41 -7.48 -15.58
N GLU C 46 -23.23 -7.77 -16.87
CA GLU C 46 -22.49 -8.97 -17.35
C GLU C 46 -21.04 -8.97 -16.85
N SER C 47 -20.49 -7.78 -16.56
CA SER C 47 -19.08 -7.68 -16.11
C SER C 47 -18.92 -8.16 -14.66
N PHE C 48 -20.02 -8.46 -13.94
CA PHE C 48 -20.00 -8.90 -12.51
C PHE C 48 -19.97 -10.44 -12.41
N LYS C 49 -19.94 -11.12 -13.56
CA LYS C 49 -19.67 -12.60 -13.60
C LYS C 49 -18.24 -12.91 -13.14
N ASN C 50 -18.09 -13.52 -11.95
CA ASN C 50 -16.78 -13.95 -11.40
C ASN C 50 -15.82 -12.75 -11.33
N SER C 51 -16.34 -11.62 -10.88
CA SER C 51 -15.55 -10.37 -10.73
C SER C 51 -14.87 -10.30 -9.36
N ALA C 52 -15.21 -11.19 -8.43
CA ALA C 52 -14.62 -11.14 -7.06
C ALA C 52 -13.10 -11.11 -7.18
N THR C 53 -12.43 -10.26 -6.39
CA THR C 53 -10.97 -10.12 -6.39
C THR C 53 -10.57 -9.44 -5.06
N PRO C 54 -9.39 -9.79 -4.49
CA PRO C 54 -9.02 -9.28 -3.17
C PRO C 54 -8.72 -7.77 -3.12
N VAL C 55 -8.89 -7.18 -1.93
CA VAL C 55 -8.39 -5.81 -1.60
C VAL C 55 -6.96 -5.69 -2.14
N GLY C 56 -6.64 -4.56 -2.81
CA GLY C 56 -5.30 -4.33 -3.38
C GLY C 56 -5.05 -4.85 -4.77
N THR C 57 -6.07 -5.41 -5.42
CA THR C 57 -5.96 -6.03 -6.76
C THR C 57 -6.98 -5.42 -7.70
N ALA C 58 -6.83 -5.78 -8.98
CA ALA C 58 -7.81 -5.42 -10.04
C ALA C 58 -8.02 -6.63 -10.95
N LYS C 59 -9.26 -6.83 -11.37
CA LYS C 59 -9.65 -7.95 -12.26
C LYS C 59 -10.55 -7.37 -13.37
N THR C 60 -10.20 -7.63 -14.62
CA THR C 60 -10.99 -7.15 -15.78
C THR C 60 -12.00 -8.22 -16.21
N VAL C 61 -13.26 -7.81 -16.34
CA VAL C 61 -14.31 -8.65 -16.99
C VAL C 61 -14.95 -7.85 -18.11
N MET C 62 -15.09 -8.50 -19.27
CA MET C 62 -15.76 -7.87 -20.44
C MET C 62 -17.27 -7.87 -20.28
N CYS C 63 -17.88 -6.78 -20.67
CA CYS C 63 -19.33 -6.63 -20.92
C CYS C 63 -19.47 -6.46 -22.45
N GLY C 64 -19.82 -7.55 -23.16
CA GLY C 64 -19.63 -7.53 -24.62
C GLY C 64 -18.15 -7.48 -24.96
N THR C 65 -17.64 -6.41 -25.60
CA THR C 65 -16.19 -6.21 -25.80
C THR C 65 -15.69 -5.03 -24.94
N TYR C 66 -16.54 -4.47 -24.09
CA TYR C 66 -16.20 -3.25 -23.32
C TYR C 66 -15.57 -3.68 -21.98
N PRO C 67 -14.28 -3.38 -21.71
CA PRO C 67 -13.62 -3.86 -20.50
C PRO C 67 -14.04 -3.04 -19.27
N VAL C 68 -14.40 -3.78 -18.22
CA VAL C 68 -14.64 -3.23 -16.87
C VAL C 68 -13.55 -3.75 -15.96
N ILE C 69 -12.73 -2.83 -15.42
CA ILE C 69 -11.58 -3.16 -14.56
C ILE C 69 -12.06 -3.00 -13.11
N HIS C 70 -12.30 -4.13 -12.40
CA HIS C 70 -12.82 -4.07 -11.02
C HIS C 70 -11.62 -3.90 -10.08
N ALA C 71 -11.46 -2.71 -9.50
CA ALA C 71 -10.29 -2.33 -8.67
C ALA C 71 -10.80 -2.24 -7.24
N VAL C 72 -10.16 -3.03 -6.36
CA VAL C 72 -10.64 -3.12 -4.95
C VAL C 72 -9.65 -2.36 -4.06
N GLY C 73 -9.98 -1.11 -3.77
CA GLY C 73 -9.24 -0.34 -2.77
C GLY C 73 -9.67 -0.80 -1.38
N PRO C 74 -8.83 -0.47 -0.39
CA PRO C 74 -9.21 -0.73 1.00
C PRO C 74 -10.35 0.16 1.49
N ASN C 75 -11.13 -0.42 2.38
CA ASN C 75 -12.12 0.32 3.18
C ASN C 75 -11.41 0.80 4.46
N PHE C 76 -11.22 2.10 4.60
CA PHE C 76 -10.48 2.66 5.75
C PHE C 76 -11.29 2.58 7.05
N SER C 77 -12.57 2.16 7.04
CA SER C 77 -13.30 1.80 8.28
C SER C 77 -12.58 0.67 9.02
N ASN C 78 -11.93 -0.20 8.23
CA ASN C 78 -11.45 -1.56 8.55
C ASN C 78 -9.93 -1.68 8.41
N TYR C 79 -9.25 -0.68 7.86
CA TYR C 79 -7.79 -0.75 7.64
C TYR C 79 -7.18 0.40 8.44
N THR C 80 -6.01 0.18 9.01
CA THR C 80 -5.25 1.28 9.63
C THR C 80 -4.74 2.21 8.53
N GLU C 81 -4.37 3.43 8.89
CA GLU C 81 -3.77 4.37 7.90
C GLU C 81 -2.57 3.70 7.24
N SER C 82 -1.70 3.05 8.02
CA SER C 82 -0.48 2.45 7.46
C SER C 82 -0.82 1.34 6.47
N GLU C 83 -1.64 0.36 6.87
CA GLU C 83 -1.94 -0.81 6.02
C GLU C 83 -2.79 -0.37 4.83
N GLY C 84 -3.72 0.53 5.04
CA GLY C 84 -4.60 0.97 3.95
C GLY C 84 -3.80 1.72 2.91
N ASP C 85 -2.84 2.53 3.32
CA ASP C 85 -2.06 3.32 2.35
C ASP C 85 -1.35 2.35 1.40
N ARG C 86 -0.79 1.28 1.89
CA ARG C 86 -0.11 0.30 1.00
C ARG C 86 -1.12 -0.37 0.05
N GLU C 87 -2.29 -0.77 0.53
CA GLU C 87 -3.29 -1.51 -0.31
C GLU C 87 -3.85 -0.54 -1.38
N LEU C 88 -3.99 0.74 -1.06
CA LEU C 88 -4.57 1.74 -2.02
C LEU C 88 -3.55 1.93 -3.16
N ALA C 89 -2.25 2.08 -2.81
CA ALA C 89 -1.18 2.16 -3.82
C ALA C 89 -1.19 0.91 -4.72
N ALA C 90 -1.36 -0.28 -4.15
CA ALA C 90 -1.29 -1.55 -4.89
C ALA C 90 -2.50 -1.65 -5.85
N ALA C 91 -3.69 -1.25 -5.41
CA ALA C 91 -4.92 -1.30 -6.26
C ALA C 91 -4.63 -0.46 -7.51
N TYR C 92 -4.09 0.75 -7.35
CA TYR C 92 -3.80 1.59 -8.54
C TYR C 92 -2.73 0.97 -9.45
N ARG C 93 -1.67 0.39 -8.87
N ARG C 93 -1.68 0.38 -8.88
CA ARG C 93 -0.63 -0.29 -9.67
CA ARG C 93 -0.64 -0.29 -9.69
C ARG C 93 -1.29 -1.40 -10.52
C ARG C 93 -1.26 -1.41 -10.52
N GLU C 94 -2.21 -2.15 -9.94
CA GLU C 94 -2.94 -3.22 -10.68
C GLU C 94 -3.82 -2.59 -11.76
N VAL C 95 -4.39 -1.41 -11.55
CA VAL C 95 -5.18 -0.76 -12.64
C VAL C 95 -4.23 -0.45 -13.80
N ALA C 96 -3.05 0.14 -13.53
CA ALA C 96 -2.06 0.49 -14.59
C ALA C 96 -1.67 -0.75 -15.36
N LYS C 97 -1.48 -1.90 -14.70
CA LYS C 97 -1.16 -3.18 -15.38
C LYS C 97 -2.34 -3.57 -16.30
N GLU C 98 -3.56 -3.53 -15.78
CA GLU C 98 -4.74 -3.95 -16.56
C GLU C 98 -4.96 -3.05 -17.77
N VAL C 99 -4.86 -1.71 -17.60
CA VAL C 99 -5.00 -0.79 -18.76
C VAL C 99 -3.94 -1.11 -19.81
N THR C 100 -2.71 -1.40 -19.40
CA THR C 100 -1.57 -1.66 -20.31
C THR C 100 -1.86 -2.97 -21.07
N ARG C 101 -2.27 -3.99 -20.35
CA ARG C 101 -2.58 -5.33 -20.90
C ARG C 101 -3.64 -5.18 -22.00
N LEU C 102 -4.65 -4.37 -21.74
CA LEU C 102 -5.81 -4.25 -22.67
C LEU C 102 -5.43 -3.48 -23.95
N GLY C 103 -4.39 -2.65 -23.95
CA GLY C 103 -3.98 -1.90 -25.16
C GLY C 103 -4.87 -0.71 -25.45
N VAL C 104 -5.74 -0.31 -24.53
CA VAL C 104 -6.68 0.85 -24.69
C VAL C 104 -5.92 2.18 -24.80
N ASN C 105 -6.52 3.15 -25.49
CA ASN C 105 -5.93 4.51 -25.60
C ASN C 105 -6.54 5.46 -24.57
N SER C 106 -7.55 5.02 -23.81
CA SER C 106 -8.21 5.85 -22.81
C SER C 106 -8.89 4.99 -21.76
N VAL C 107 -9.06 5.57 -20.58
CA VAL C 107 -9.65 4.91 -19.39
C VAL C 107 -10.39 5.96 -18.55
N ALA C 108 -11.58 5.63 -18.06
CA ALA C 108 -12.40 6.38 -17.11
C ALA C 108 -12.16 5.79 -15.72
N ILE C 109 -11.71 6.63 -14.78
N ILE C 109 -11.81 6.63 -14.74
CA ILE C 109 -11.30 6.21 -13.41
CA ILE C 109 -11.36 6.12 -13.42
C ILE C 109 -12.04 7.05 -12.37
C ILE C 109 -11.89 7.02 -12.32
N PRO C 110 -12.48 6.43 -11.25
CA PRO C 110 -12.88 7.18 -10.06
C PRO C 110 -11.71 7.21 -9.04
N LEU C 111 -11.78 8.08 -8.06
CA LEU C 111 -10.78 8.06 -6.95
C LEU C 111 -11.16 6.96 -5.95
N LEU C 112 -10.31 5.97 -5.90
CA LEU C 112 -10.50 4.77 -5.05
C LEU C 112 -10.39 5.17 -3.58
N SER C 113 -11.18 4.49 -2.75
CA SER C 113 -11.19 4.62 -1.28
C SER C 113 -11.60 6.02 -0.81
N THR C 114 -12.43 6.70 -1.58
CA THR C 114 -13.15 7.93 -1.15
C THR C 114 -14.60 7.48 -0.87
N GLY C 115 -15.51 8.39 -0.53
CA GLY C 115 -16.91 8.00 -0.28
C GLY C 115 -17.00 6.87 0.74
N VAL C 116 -17.74 5.78 0.48
CA VAL C 116 -18.10 4.84 1.58
C VAL C 116 -16.89 4.06 2.11
N TYR C 117 -15.76 4.02 1.39
CA TYR C 117 -14.52 3.32 1.82
C TYR C 117 -13.55 4.33 2.47
N SER C 118 -13.94 5.59 2.63
CA SER C 118 -13.04 6.66 3.16
C SER C 118 -12.80 6.55 4.68
N GLY C 119 -13.60 5.78 5.42
CA GLY C 119 -13.52 5.79 6.89
C GLY C 119 -13.77 7.17 7.47
N GLY C 120 -14.55 8.01 6.78
CA GLY C 120 -14.93 9.35 7.21
C GLY C 120 -13.85 10.42 7.04
N LYS C 121 -12.76 10.19 6.30
CA LYS C 121 -11.66 11.19 6.10
C LYS C 121 -11.69 11.70 4.67
N ASP C 122 -11.25 12.93 4.44
CA ASP C 122 -11.08 13.49 3.07
C ASP C 122 -9.80 12.87 2.47
N ARG C 123 -9.93 12.00 1.46
CA ARG C 123 -8.74 11.29 0.87
C ARG C 123 -8.50 11.73 -0.58
N LEU C 124 -8.95 12.92 -1.00
CA LEU C 124 -8.73 13.37 -2.40
C LEU C 124 -7.23 13.35 -2.74
N THR C 125 -6.40 14.06 -1.98
CA THR C 125 -4.97 14.19 -2.29
C THR C 125 -4.31 12.82 -2.22
N GLN C 126 -4.58 12.04 -1.18
CA GLN C 126 -3.96 10.70 -1.03
C GLN C 126 -4.29 9.82 -2.25
N SER C 127 -5.58 9.74 -2.56
CA SER C 127 -6.04 8.85 -3.65
C SER C 127 -5.47 9.34 -4.97
N LEU C 128 -5.56 10.65 -5.25
CA LEU C 128 -5.04 11.22 -6.50
C LEU C 128 -3.53 11.02 -6.59
N ASN C 129 -2.76 11.16 -5.50
CA ASN C 129 -1.29 10.93 -5.54
C ASN C 129 -1.01 9.48 -5.96
N HIS C 130 -1.72 8.51 -5.40
CA HIS C 130 -1.49 7.11 -5.74
C HIS C 130 -1.89 6.85 -7.22
N LEU C 131 -2.94 7.50 -7.69
CA LEU C 131 -3.39 7.38 -9.10
C LEU C 131 -2.27 7.85 -10.02
N PHE C 132 -1.71 9.01 -9.76
CA PHE C 132 -0.60 9.53 -10.60
C PHE C 132 0.61 8.62 -10.51
N THR C 133 1.01 8.15 -9.32
CA THR C 133 2.20 7.29 -9.14
C THR C 133 2.06 6.08 -10.08
N ALA C 134 0.86 5.52 -10.18
CA ALA C 134 0.61 4.28 -10.98
C ALA C 134 0.46 4.61 -12.48
N MET C 135 -0.28 5.67 -12.81
CA MET C 135 -0.68 5.94 -14.23
C MET C 135 0.34 6.81 -14.97
N ASP C 136 1.28 7.47 -14.30
CA ASP C 136 2.20 8.39 -15.02
C ASP C 136 2.99 7.63 -16.08
N SER C 137 3.36 6.35 -15.86
CA SER C 137 4.17 5.57 -16.83
C SER C 137 3.32 4.92 -17.92
N THR C 138 2.01 5.08 -17.90
CA THR C 138 1.10 4.59 -18.96
C THR C 138 0.90 5.65 -20.02
N ASP C 139 0.52 5.24 -21.23
CA ASP C 139 0.30 6.15 -22.38
C ASP C 139 -1.17 6.28 -22.71
N ALA C 140 -2.08 5.82 -21.84
CA ALA C 140 -3.54 6.04 -22.04
C ALA C 140 -3.94 7.45 -21.66
N ASP C 141 -4.91 8.06 -22.35
CA ASP C 141 -5.62 9.24 -21.82
C ASP C 141 -6.42 8.83 -20.59
N VAL C 142 -6.19 9.48 -19.47
CA VAL C 142 -6.88 9.16 -18.22
C VAL C 142 -7.91 10.23 -17.96
N VAL C 143 -9.15 9.85 -17.77
CA VAL C 143 -10.26 10.77 -17.43
C VAL C 143 -10.80 10.40 -16.05
N ILE C 144 -10.66 11.29 -15.08
CA ILE C 144 -11.12 11.07 -13.68
C ILE C 144 -12.53 11.56 -13.53
N TYR C 145 -13.43 10.76 -12.98
CA TYR C 145 -14.86 11.12 -12.83
C TYR C 145 -15.13 11.41 -11.36
N CYS C 146 -15.78 12.54 -11.08
CA CYS C 146 -16.17 12.90 -9.70
C CYS C 146 -17.61 13.45 -9.71
N ARG C 147 -18.16 13.64 -8.50
CA ARG C 147 -19.58 14.06 -8.33
C ARG C 147 -19.66 15.46 -7.73
N ASP C 148 -18.63 15.87 -6.99
CA ASP C 148 -18.63 17.09 -6.14
C ASP C 148 -17.92 18.24 -6.86
N LYS C 149 -18.49 19.43 -6.86
CA LYS C 149 -17.88 20.57 -7.60
C LYS C 149 -16.59 21.05 -6.93
N GLU C 150 -16.46 21.01 -5.61
CA GLU C 150 -15.19 21.40 -4.92
C GLU C 150 -14.09 20.38 -5.27
N TRP C 151 -14.43 19.09 -5.38
CA TRP C 151 -13.45 18.03 -5.74
C TRP C 151 -13.02 18.25 -7.19
N GLU C 152 -13.97 18.57 -8.09
CA GLU C 152 -13.63 18.84 -9.51
C GLU C 152 -12.54 19.93 -9.59
N LYS C 153 -12.71 21.03 -8.87
CA LYS C 153 -11.76 22.17 -8.90
C LYS C 153 -10.39 21.76 -8.36
N LYS C 154 -10.35 21.07 -7.21
CA LYS C 154 -9.09 20.61 -6.58
C LYS C 154 -8.38 19.58 -7.48
N ILE C 155 -9.12 18.63 -8.08
CA ILE C 155 -8.44 17.67 -9.02
C ILE C 155 -7.90 18.42 -10.25
N SER C 156 -8.70 19.34 -10.79
CA SER C 156 -8.30 20.13 -11.97
C SER C 156 -7.02 20.91 -11.68
N GLU C 157 -6.93 21.55 -10.51
CA GLU C 157 -5.71 22.31 -10.09
C GLU C 157 -4.50 21.39 -10.00
N ALA C 158 -4.65 20.22 -9.39
CA ALA C 158 -3.55 19.24 -9.22
C ALA C 158 -3.01 18.83 -10.59
N ILE C 159 -3.88 18.60 -11.58
CA ILE C 159 -3.50 18.16 -12.94
C ILE C 159 -2.71 19.31 -13.58
N GLN C 160 -3.26 20.51 -13.50
CA GLN C 160 -2.66 21.67 -14.20
C GLN C 160 -1.35 22.03 -13.51
N MET C 161 -1.22 21.81 -12.21
CA MET C 161 0.01 22.18 -11.44
C MET C 161 1.24 21.49 -12.04
N ARG C 162 1.11 20.34 -12.70
CA ARG C 162 2.27 19.54 -13.18
C ARG C 162 2.55 19.76 -14.68
N THR C 163 1.68 20.43 -15.44
CA THR C 163 1.85 20.61 -16.91
C THR C 163 2.78 21.79 -17.19
N PRO D 5 28.73 2.29 -37.17
CA PRO D 5 28.81 3.14 -35.97
C PRO D 5 29.85 2.63 -34.96
N SER D 6 30.34 3.53 -34.11
N SER D 6 30.43 3.55 -34.18
CA SER D 6 31.39 3.30 -33.07
CA SER D 6 31.38 3.26 -33.08
C SER D 6 30.79 3.49 -31.68
C SER D 6 30.62 3.34 -31.75
N TYR D 7 31.02 2.53 -30.77
CA TYR D 7 30.39 2.52 -29.42
C TYR D 7 31.45 2.76 -28.37
N ARG D 8 31.12 3.61 -27.39
CA ARG D 8 31.87 3.81 -26.13
C ARG D 8 30.88 3.88 -24.98
N VAL D 9 31.40 3.80 -23.75
CA VAL D 9 30.62 3.94 -22.50
C VAL D 9 31.35 4.92 -21.60
N LYS D 10 30.60 5.78 -20.91
CA LYS D 10 31.10 6.71 -19.87
C LYS D 10 30.25 6.56 -18.60
N ARG D 11 30.90 6.58 -17.44
CA ARG D 11 30.22 6.55 -16.12
C ARG D 11 30.08 7.98 -15.62
N MET D 12 29.20 8.75 -16.25
CA MET D 12 28.97 10.16 -15.86
C MET D 12 27.51 10.54 -16.15
N ASP D 13 27.10 11.70 -15.63
CA ASP D 13 25.75 12.29 -15.83
C ASP D 13 25.57 12.62 -17.32
N ILE D 14 24.57 12.01 -17.97
CA ILE D 14 24.29 12.25 -19.41
C ILE D 14 23.96 13.74 -19.64
N ALA D 15 23.54 14.47 -18.62
CA ALA D 15 23.24 15.92 -18.70
C ALA D 15 24.53 16.71 -18.97
N LYS D 16 25.71 16.07 -18.83
CA LYS D 16 27.04 16.69 -19.08
C LYS D 16 27.73 16.01 -20.25
N ASN D 17 26.98 15.40 -21.18
CA ASN D 17 27.56 14.69 -22.33
C ASN D 17 28.36 15.62 -23.27
N ASP D 18 29.26 15.03 -24.04
CA ASP D 18 30.12 15.69 -25.03
C ASP D 18 29.68 15.31 -26.45
N GLU D 19 28.41 15.00 -26.69
CA GLU D 19 27.91 14.60 -28.02
C GLU D 19 26.94 15.64 -28.63
N GLU D 20 26.64 15.50 -29.92
CA GLU D 20 25.84 16.50 -30.68
C GLU D 20 24.36 16.47 -30.28
N CYS D 21 23.89 15.40 -29.63
CA CYS D 21 22.48 15.31 -29.23
C CYS D 21 22.37 14.28 -28.11
N VAL D 22 21.22 14.27 -27.45
CA VAL D 22 21.00 13.43 -26.26
C VAL D 22 19.66 12.71 -26.43
N VAL D 23 19.64 11.47 -25.94
CA VAL D 23 18.39 10.67 -25.76
C VAL D 23 17.97 10.73 -24.30
N ASN D 24 16.78 11.21 -24.08
CA ASN D 24 16.13 11.19 -22.76
C ASN D 24 15.42 9.85 -22.55
N ALA D 25 15.59 9.27 -21.36
CA ALA D 25 14.74 8.12 -20.93
C ALA D 25 13.45 8.72 -20.37
N ALA D 26 12.53 9.03 -21.28
CA ALA D 26 11.34 9.84 -21.03
C ALA D 26 10.17 9.02 -20.48
N ASN D 27 9.20 9.69 -19.88
CA ASN D 27 7.87 9.11 -19.58
C ASN D 27 6.91 9.54 -20.69
N PRO D 28 5.78 8.84 -20.87
CA PRO D 28 4.92 9.15 -22.00
C PRO D 28 4.21 10.51 -21.89
N ARG D 29 4.23 11.12 -20.70
CA ARG D 29 3.41 12.34 -20.43
C ARG D 29 4.24 13.61 -20.58
N GLY D 30 5.53 13.48 -20.83
CA GLY D 30 6.45 14.64 -20.86
C GLY D 30 6.59 15.29 -19.51
N LEU D 31 6.45 14.54 -18.41
CA LEU D 31 6.66 15.05 -17.03
C LEU D 31 8.16 15.07 -16.72
N PRO D 32 8.59 15.96 -15.78
CA PRO D 32 9.98 16.02 -15.36
C PRO D 32 10.53 14.69 -14.84
N GLY D 33 9.72 13.90 -14.12
CA GLY D 33 10.12 12.55 -13.69
C GLY D 33 11.22 12.54 -12.63
N ASP D 34 12.03 11.48 -12.65
CA ASP D 34 13.24 11.35 -11.79
C ASP D 34 14.32 10.59 -12.55
N GLY D 35 15.46 10.38 -11.92
CA GLY D 35 16.64 9.79 -12.58
C GLY D 35 17.10 10.63 -13.76
N VAL D 36 17.49 9.94 -14.84
CA VAL D 36 17.95 10.56 -16.12
C VAL D 36 16.93 11.65 -16.50
N CYS D 37 15.65 11.33 -16.51
CA CYS D 37 14.61 12.24 -17.01
C CYS D 37 14.70 13.55 -16.22
N LYS D 38 14.86 13.49 -14.89
CA LYS D 38 14.89 14.71 -14.05
C LYS D 38 16.15 15.52 -14.35
N ALA D 39 17.28 14.87 -14.63
CA ALA D 39 18.56 15.54 -14.95
C ALA D 39 18.46 16.26 -16.30
N VAL D 40 17.78 15.64 -17.25
CA VAL D 40 17.52 16.16 -18.62
C VAL D 40 16.58 17.37 -18.46
N TYR D 41 15.58 17.27 -17.59
CA TYR D 41 14.62 18.37 -17.34
C TYR D 41 15.39 19.58 -16.75
N LYS D 42 16.32 19.35 -15.84
CA LYS D 42 17.06 20.49 -15.23
C LYS D 42 17.98 21.15 -16.26
N LYS D 43 18.57 20.36 -17.16
CA LYS D 43 19.58 20.87 -18.13
C LYS D 43 18.90 21.49 -19.35
N TRP D 44 17.81 20.90 -19.85
CA TRP D 44 17.20 21.28 -21.15
C TRP D 44 15.68 21.40 -20.95
N PRO D 45 15.19 22.21 -19.99
CA PRO D 45 13.74 22.26 -19.71
C PRO D 45 12.90 22.68 -20.92
N GLU D 46 13.43 23.54 -21.82
CA GLU D 46 12.67 23.99 -23.01
C GLU D 46 12.32 22.79 -23.90
N SER D 47 13.09 21.69 -23.83
CA SER D 47 12.86 20.51 -24.70
C SER D 47 11.63 19.71 -24.25
N PHE D 48 10.98 20.08 -23.15
CA PHE D 48 9.75 19.37 -22.67
C PHE D 48 8.47 20.03 -23.20
N LYS D 49 8.57 21.01 -24.08
CA LYS D 49 7.39 21.61 -24.75
C LYS D 49 6.81 20.57 -25.71
N ASN D 50 5.61 20.06 -25.43
CA ASN D 50 4.94 19.06 -26.28
C ASN D 50 5.88 17.85 -26.56
N SER D 51 6.53 17.36 -25.51
CA SER D 51 7.41 16.15 -25.60
C SER D 51 6.61 14.86 -25.36
N ALA D 52 5.37 14.93 -24.91
CA ALA D 52 4.54 13.74 -24.61
C ALA D 52 4.45 12.88 -25.87
N THR D 53 4.60 11.56 -25.70
CA THR D 53 4.60 10.65 -26.88
C THR D 53 4.34 9.26 -26.33
N PRO D 54 3.78 8.34 -27.15
CA PRO D 54 3.43 7.06 -26.59
C PRO D 54 4.65 6.17 -26.34
N VAL D 55 4.39 5.10 -25.58
CA VAL D 55 5.40 4.02 -25.35
C VAL D 55 5.86 3.46 -26.69
N GLY D 56 7.15 3.17 -26.81
CA GLY D 56 7.74 2.64 -28.05
C GLY D 56 8.03 3.66 -29.12
N THR D 57 7.95 4.97 -28.80
CA THR D 57 8.18 6.06 -29.76
C THR D 57 9.28 6.99 -29.27
N ALA D 58 9.80 7.78 -30.22
CA ALA D 58 10.76 8.85 -29.89
C ALA D 58 10.25 10.17 -30.50
N LYS D 59 10.38 11.25 -29.74
CA LYS D 59 10.00 12.60 -30.24
C LYS D 59 11.13 13.58 -29.90
N THR D 60 11.62 14.25 -30.95
CA THR D 60 12.75 15.20 -30.83
C THR D 60 12.23 16.62 -30.63
N VAL D 61 12.71 17.26 -29.59
CA VAL D 61 12.42 18.70 -29.32
C VAL D 61 13.75 19.39 -29.08
N MET D 62 13.95 20.53 -29.75
N MET D 62 13.95 20.54 -29.75
CA MET D 62 15.21 21.31 -29.70
CA MET D 62 15.21 21.31 -29.70
C MET D 62 15.23 22.20 -28.45
C MET D 62 15.23 22.20 -28.45
N CYS D 63 16.38 22.27 -27.77
CA CYS D 63 16.65 23.23 -26.69
C CYS D 63 17.69 24.19 -27.28
N GLY D 64 17.25 25.34 -27.77
CA GLY D 64 18.16 26.12 -28.63
C GLY D 64 18.30 25.41 -29.95
N THR D 65 19.53 25.00 -30.32
CA THR D 65 19.78 24.16 -31.49
C THR D 65 20.21 22.74 -31.07
N TYR D 66 20.15 22.43 -29.79
CA TYR D 66 20.62 21.13 -29.24
C TYR D 66 19.42 20.18 -29.24
N PRO D 67 19.46 19.04 -29.99
CA PRO D 67 18.34 18.13 -30.02
C PRO D 67 18.25 17.19 -28.81
N VAL D 68 17.06 17.10 -28.24
CA VAL D 68 16.74 16.16 -27.14
C VAL D 68 15.73 15.16 -27.71
N ILE D 69 16.15 13.90 -27.84
CA ILE D 69 15.33 12.82 -28.44
C ILE D 69 14.65 12.13 -27.25
N HIS D 70 13.37 12.43 -27.00
CA HIS D 70 12.64 11.81 -25.88
C HIS D 70 12.20 10.42 -26.32
N ALA D 71 12.81 9.38 -25.76
CA ALA D 71 12.50 7.98 -26.11
C ALA D 71 11.74 7.33 -24.95
N VAL D 72 10.56 6.77 -25.25
CA VAL D 72 9.71 6.19 -24.17
C VAL D 72 9.82 4.66 -24.15
N GLY D 73 10.65 4.15 -23.27
CA GLY D 73 10.73 2.68 -23.09
C GLY D 73 9.54 2.22 -22.27
N PRO D 74 9.17 0.94 -22.36
CA PRO D 74 8.12 0.43 -21.52
C PRO D 74 8.51 0.31 -20.06
N ASN D 75 7.52 0.48 -19.19
CA ASN D 75 7.65 0.19 -17.75
C ASN D 75 7.27 -1.28 -17.55
N PHE D 76 8.26 -2.12 -17.25
CA PHE D 76 8.01 -3.57 -17.04
C PHE D 76 7.22 -3.87 -15.77
N SER D 77 6.93 -2.92 -14.89
CA SER D 77 5.85 -3.11 -13.89
C SER D 77 4.47 -3.25 -14.56
N ASN D 78 4.26 -2.67 -15.74
CA ASN D 78 2.94 -2.58 -16.39
C ASN D 78 2.81 -3.60 -17.52
N TYR D 79 3.91 -3.86 -18.25
CA TYR D 79 3.94 -4.70 -19.46
C TYR D 79 4.39 -6.10 -19.10
N THR D 80 3.87 -7.09 -19.81
CA THR D 80 4.44 -8.46 -19.78
C THR D 80 5.84 -8.45 -20.34
N GLU D 81 6.62 -9.50 -20.02
CA GLU D 81 7.95 -9.65 -20.66
C GLU D 81 7.83 -9.62 -22.18
N SER D 82 6.86 -10.34 -22.77
CA SER D 82 6.69 -10.44 -24.23
C SER D 82 6.32 -9.07 -24.83
N GLU D 83 5.30 -8.39 -24.28
CA GLU D 83 4.85 -7.11 -24.92
C GLU D 83 5.91 -6.03 -24.66
N GLY D 84 6.52 -6.04 -23.51
CA GLY D 84 7.58 -5.06 -23.14
C GLY D 84 8.77 -5.20 -24.03
N ASP D 85 9.20 -6.45 -24.33
CA ASP D 85 10.37 -6.66 -25.21
C ASP D 85 10.15 -6.01 -26.58
N ARG D 86 8.95 -6.13 -27.14
CA ARG D 86 8.58 -5.56 -28.45
C ARG D 86 8.67 -4.02 -28.34
N GLU D 87 8.15 -3.44 -27.28
CA GLU D 87 8.10 -1.95 -27.11
C GLU D 87 9.52 -1.42 -26.88
N LEU D 88 10.39 -2.18 -26.23
CA LEU D 88 11.79 -1.72 -25.96
C LEU D 88 12.54 -1.71 -27.28
N ALA D 89 12.40 -2.75 -28.12
CA ALA D 89 12.97 -2.77 -29.48
C ALA D 89 12.47 -1.56 -30.29
N ALA D 90 11.17 -1.26 -30.22
CA ALA D 90 10.53 -0.18 -31.02
C ALA D 90 11.08 1.19 -30.57
N ALA D 91 11.24 1.41 -29.28
CA ALA D 91 11.76 2.71 -28.78
C ALA D 91 13.15 2.96 -29.38
N TYR D 92 14.04 1.98 -29.33
CA TYR D 92 15.40 2.12 -29.89
C TYR D 92 15.37 2.28 -31.41
N ARG D 93 14.50 1.53 -32.10
CA ARG D 93 14.29 1.66 -33.57
C ARG D 93 13.97 3.12 -33.91
N GLU D 94 13.06 3.74 -33.15
CA GLU D 94 12.61 5.13 -33.39
C GLU D 94 13.74 6.12 -33.04
N VAL D 95 14.53 5.86 -32.01
CA VAL D 95 15.77 6.64 -31.70
C VAL D 95 16.70 6.64 -32.93
N ALA D 96 17.00 5.47 -33.47
CA ALA D 96 17.94 5.33 -34.61
C ALA D 96 17.44 6.17 -35.80
N LYS D 97 16.13 6.13 -36.08
CA LYS D 97 15.51 6.87 -37.21
C LYS D 97 15.65 8.39 -36.99
N GLU D 98 15.53 8.85 -35.75
CA GLU D 98 15.71 10.29 -35.41
C GLU D 98 17.19 10.71 -35.55
N VAL D 99 18.12 9.90 -35.07
CA VAL D 99 19.57 10.17 -35.19
C VAL D 99 19.93 10.33 -36.67
N THR D 100 19.47 9.41 -37.52
CA THR D 100 19.76 9.45 -38.98
C THR D 100 19.14 10.73 -39.56
N ARG D 101 17.89 11.03 -39.21
CA ARG D 101 17.15 12.17 -39.82
C ARG D 101 17.83 13.49 -39.46
N LEU D 102 18.35 13.61 -38.23
CA LEU D 102 19.01 14.84 -37.74
C LEU D 102 20.41 15.01 -38.36
N GLY D 103 21.03 13.93 -38.85
CA GLY D 103 22.37 13.98 -39.48
C GLY D 103 23.49 14.28 -38.52
N VAL D 104 23.30 14.01 -37.24
CA VAL D 104 24.34 14.27 -36.22
C VAL D 104 25.50 13.28 -36.43
N ASN D 105 26.66 13.68 -35.94
CA ASN D 105 27.88 12.84 -35.92
C ASN D 105 27.92 11.97 -34.67
N SER D 106 27.25 12.37 -33.59
CA SER D 106 27.38 11.65 -32.30
C SER D 106 26.09 11.78 -31.50
N VAL D 107 25.85 10.81 -30.62
CA VAL D 107 24.63 10.78 -29.76
C VAL D 107 24.99 10.18 -28.40
N ALA D 108 24.48 10.78 -27.34
CA ALA D 108 24.57 10.35 -25.94
C ALA D 108 23.28 9.58 -25.63
N ILE D 109 23.37 8.34 -25.13
N ILE D 109 23.39 8.32 -25.19
CA ILE D 109 22.17 7.46 -24.98
CA ILE D 109 22.23 7.41 -24.97
C ILE D 109 22.27 6.68 -23.67
C ILE D 109 22.32 6.75 -23.59
N PRO D 110 21.18 6.65 -22.87
CA PRO D 110 21.12 5.84 -21.67
C PRO D 110 20.50 4.48 -22.02
N LEU D 111 20.62 3.51 -21.11
CA LEU D 111 19.95 2.18 -21.30
C LEU D 111 18.49 2.30 -20.87
N LEU D 112 17.59 2.29 -21.86
CA LEU D 112 16.15 2.45 -21.63
C LEU D 112 15.61 1.29 -20.81
N SER D 113 14.66 1.56 -19.96
CA SER D 113 13.87 0.54 -19.19
C SER D 113 14.73 -0.19 -18.13
N THR D 114 15.88 0.38 -17.70
CA THR D 114 16.84 -0.30 -16.78
C THR D 114 16.84 0.21 -15.33
N GLY D 115 16.10 1.27 -15.04
CA GLY D 115 15.98 1.85 -13.69
C GLY D 115 14.58 1.62 -13.12
N VAL D 116 13.83 2.68 -12.84
CA VAL D 116 12.48 2.54 -12.22
C VAL D 116 11.50 1.93 -13.24
N TYR D 117 11.86 1.75 -14.52
CA TYR D 117 11.00 1.02 -15.49
C TYR D 117 11.41 -0.46 -15.61
N SER D 118 12.36 -0.94 -14.79
CA SER D 118 12.89 -2.32 -14.96
C SER D 118 11.99 -3.40 -14.35
N GLY D 119 10.95 -3.05 -13.58
CA GLY D 119 10.06 -4.01 -12.91
C GLY D 119 10.85 -4.88 -11.95
N GLY D 120 11.92 -4.32 -11.38
CA GLY D 120 12.76 -4.94 -10.32
C GLY D 120 13.76 -5.95 -10.87
N LYS D 121 13.96 -6.01 -12.18
CA LYS D 121 14.83 -7.00 -12.83
C LYS D 121 16.06 -6.30 -13.42
N ASP D 122 17.20 -7.00 -13.47
CA ASP D 122 18.43 -6.54 -14.14
C ASP D 122 18.25 -6.71 -15.64
N ARG D 123 18.12 -5.59 -16.37
CA ARG D 123 17.88 -5.57 -17.83
C ARG D 123 19.05 -4.93 -18.61
N LEU D 124 20.27 -4.94 -18.08
CA LEU D 124 21.45 -4.42 -18.82
C LEU D 124 21.62 -5.12 -20.17
N THR D 125 21.71 -6.47 -20.21
CA THR D 125 21.98 -7.21 -21.46
C THR D 125 20.82 -7.00 -22.44
N GLN D 126 19.60 -7.08 -21.95
CA GLN D 126 18.39 -6.96 -22.79
C GLN D 126 18.35 -5.56 -23.41
N SER D 127 18.51 -4.54 -22.56
CA SER D 127 18.45 -3.13 -23.08
C SER D 127 19.61 -2.86 -24.07
N LEU D 128 20.84 -3.27 -23.72
CA LEU D 128 22.03 -3.06 -24.58
C LEU D 128 21.89 -3.84 -25.89
N ASN D 129 21.28 -5.04 -25.90
CA ASN D 129 21.14 -5.78 -27.17
C ASN D 129 20.19 -5.06 -28.12
N HIS D 130 19.10 -4.47 -27.64
CA HIS D 130 18.16 -3.73 -28.50
C HIS D 130 18.83 -2.42 -28.98
N LEU D 131 19.62 -1.80 -28.11
CA LEU D 131 20.41 -0.57 -28.46
C LEU D 131 21.34 -0.90 -29.66
N PHE D 132 22.13 -1.97 -29.58
CA PHE D 132 23.08 -2.30 -30.68
C PHE D 132 22.31 -2.61 -31.96
N THR D 133 21.23 -3.39 -31.85
CA THR D 133 20.45 -3.78 -33.05
C THR D 133 19.95 -2.56 -33.79
N ALA D 134 19.42 -1.57 -33.05
CA ALA D 134 18.89 -0.35 -33.67
C ALA D 134 20.03 0.56 -34.16
N MET D 135 21.04 0.80 -33.32
CA MET D 135 22.02 1.87 -33.63
C MET D 135 23.01 1.35 -34.67
N ASP D 136 23.10 0.03 -34.88
CA ASP D 136 23.98 -0.51 -35.96
C ASP D 136 23.57 0.03 -37.33
N SER D 137 22.32 0.50 -37.51
CA SER D 137 21.78 0.97 -38.80
C SER D 137 22.14 2.43 -39.05
N THR D 138 22.75 3.11 -38.07
CA THR D 138 23.23 4.51 -38.21
C THR D 138 24.74 4.53 -38.47
N ASP D 139 25.30 5.70 -38.76
CA ASP D 139 26.79 5.81 -38.84
C ASP D 139 27.32 6.81 -37.79
N ALA D 140 26.57 7.07 -36.72
CA ALA D 140 26.96 7.99 -35.63
C ALA D 140 27.88 7.29 -34.63
N ASP D 141 28.77 8.07 -34.02
CA ASP D 141 29.43 7.71 -32.75
C ASP D 141 28.38 7.67 -31.67
N VAL D 142 28.26 6.53 -31.00
CA VAL D 142 27.28 6.32 -29.90
C VAL D 142 28.06 6.27 -28.60
N VAL D 143 27.66 7.05 -27.63
CA VAL D 143 28.25 7.08 -26.30
C VAL D 143 27.16 6.75 -25.28
N ILE D 144 27.29 5.60 -24.64
CA ILE D 144 26.33 5.08 -23.64
C ILE D 144 26.73 5.63 -22.28
N TYR D 145 25.78 6.19 -21.55
CA TYR D 145 25.98 6.79 -20.22
C TYR D 145 25.35 5.89 -19.15
N CYS D 146 26.13 5.56 -18.11
CA CYS D 146 25.68 4.79 -16.92
C CYS D 146 26.24 5.45 -15.65
N ARG D 147 25.81 5.02 -14.47
CA ARG D 147 26.22 5.65 -13.19
C ARG D 147 27.03 4.67 -12.35
N ASP D 148 26.92 3.36 -12.64
CA ASP D 148 27.45 2.27 -11.79
C ASP D 148 28.72 1.66 -12.40
N LYS D 149 29.71 1.33 -11.57
CA LYS D 149 31.02 0.79 -12.03
C LYS D 149 30.89 -0.63 -12.58
N GLU D 150 30.08 -1.49 -11.95
CA GLU D 150 29.87 -2.87 -12.44
C GLU D 150 29.16 -2.79 -13.79
N TRP D 151 28.19 -1.88 -13.93
CA TRP D 151 27.48 -1.67 -15.22
C TRP D 151 28.45 -1.15 -16.28
N GLU D 152 29.28 -0.16 -15.93
CA GLU D 152 30.32 0.37 -16.85
C GLU D 152 31.19 -0.76 -17.42
N LYS D 153 31.69 -1.63 -16.53
CA LYS D 153 32.57 -2.77 -16.89
C LYS D 153 31.83 -3.71 -17.84
N LYS D 154 30.60 -4.10 -17.48
CA LYS D 154 29.77 -5.03 -18.27
C LYS D 154 29.43 -4.44 -19.64
N ILE D 155 29.05 -3.14 -19.71
CA ILE D 155 28.78 -2.50 -21.02
C ILE D 155 30.07 -2.51 -21.86
N SER D 156 31.20 -2.10 -21.27
CA SER D 156 32.53 -2.11 -21.94
C SER D 156 32.84 -3.50 -22.52
N GLU D 157 32.66 -4.55 -21.72
CA GLU D 157 32.93 -5.94 -22.15
C GLU D 157 32.03 -6.30 -23.33
N ALA D 158 30.75 -5.93 -23.29
CA ALA D 158 29.82 -6.21 -24.41
C ALA D 158 30.28 -5.51 -25.70
N ILE D 159 30.76 -4.26 -25.60
CA ILE D 159 31.26 -3.49 -26.77
C ILE D 159 32.47 -4.23 -27.35
N GLN D 160 33.42 -4.58 -26.48
CA GLN D 160 34.71 -5.25 -26.85
C GLN D 160 34.39 -6.55 -27.58
N MET D 161 33.40 -7.32 -27.10
CA MET D 161 33.09 -8.68 -27.61
C MET D 161 32.49 -8.65 -29.03
N ARG D 162 32.02 -7.51 -29.55
CA ARG D 162 31.38 -7.42 -30.89
C ARG D 162 32.41 -7.19 -32.00
N THR D 163 33.60 -6.69 -31.66
CA THR D 163 34.56 -6.08 -32.61
C THR D 163 35.29 -7.17 -33.41
S DMS E . 5.12 -5.57 4.83
O DMS E . 5.55 -4.20 4.28
C1 DMS E . 5.17 -5.46 6.55
C2 DMS E . 6.53 -6.67 4.64
S DMS F . 18.42 1.00 17.55
O DMS F . 18.83 0.95 16.06
C1 DMS F . 18.48 2.71 17.96
C2 DMS F . 19.97 0.58 18.30
C TRS G . 22.76 18.31 17.66
C1 TRS G . 21.33 18.49 18.20
C2 TRS G . 22.78 18.04 16.16
C3 TRS G . 23.63 19.52 17.99
N TRS G . 23.34 17.08 18.33
O1 TRS G . 21.28 18.72 19.62
O2 TRS G . 22.36 19.16 15.38
O3 TRS G . 25.03 19.24 17.91
S DMS H . 8.68 15.48 4.17
O DMS H . 7.54 15.33 5.14
C1 DMS H . 9.29 13.85 3.87
C2 DMS H . 10.09 16.08 5.10
S DMS I . -3.41 4.14 29.08
O DMS I . -3.92 4.28 27.69
C1 DMS I . -4.22 2.69 29.74
C2 DMS I . -4.15 5.42 30.07
CL CL J . 16.82 2.53 22.32
CL CL K . 9.19 -1.76 26.70
CL CL L . 2.29 -7.39 18.73
C4 A1AQJ M . 16.06 -1.32 30.71
C5 A1AQJ M . 17.40 -1.66 30.62
C6 A1AQJ M . 15.29 -1.01 29.48
C7 A1AQJ M . 13.55 -1.61 27.84
C8 A1AQJ M . 12.08 -1.71 28.15
C10 A1AQJ M . 13.95 -3.12 29.71
N A1AQJ M . 14.32 -1.86 29.07
C A1AQJ M . 18.13 -1.95 31.77
O A1AQJ M . 19.42 -2.35 31.65
C1 A1AQJ M . 17.53 -1.87 33.01
C2 A1AQJ M . 16.19 -1.52 33.11
C3 A1AQJ M . 15.45 -1.26 31.96
C9 A1AQJ M . 12.46 -3.17 29.94
O1 A1AQJ M . 15.57 0.00 28.84
O2 A1AQJ M . 11.74 -2.97 28.72
S DMS N . 1.80 -7.99 23.40
O DMS N . 3.19 -7.41 22.98
C1 DMS N . 0.76 -7.84 21.95
C2 DMS N . 1.92 -9.77 23.42
S DMS O . 3.93 2.52 -1.86
O DMS O . 2.90 2.48 -0.74
C1 DMS O . 4.51 0.87 -2.10
C2 DMS O . 5.42 3.19 -1.17
S DMS P . -9.78 -22.64 11.30
O DMS P . -10.56 -21.76 12.25
C1 DMS P . -8.48 -21.66 10.64
C2 DMS P . -10.75 -22.79 9.82
S DMS Q . -5.97 -22.25 16.68
O DMS Q . -5.47 -21.26 17.71
C1 DMS Q . -7.62 -22.71 17.18
C2 DMS Q . -5.16 -23.75 17.15
S DMS R . -10.17 -27.16 5.68
O DMS R . -10.92 -26.33 6.69
C1 DMS R . -11.18 -27.18 4.22
C2 DMS R . -10.36 -28.85 6.17
CL CL S . -12.12 -23.18 4.97
CL CL T . -9.67 -24.90 14.41
CL CL U . -9.59 -9.73 0.31
C4 A1AQJ V . -15.38 12.73 1.60
C5 A1AQJ V . -15.56 11.85 2.66
C6 A1AQJ V . -15.58 12.16 0.23
C7 A1AQJ V . -16.90 12.12 -1.87
C8 A1AQJ V . -16.95 13.21 -2.90
C10 A1AQJ V . -17.41 13.81 -0.19
N A1AQJ V . -16.55 12.69 -0.56
C A1AQJ V . -15.38 12.30 3.96
O A1AQJ V . -15.59 11.42 4.98
C1 A1AQJ V . -15.03 13.62 4.21
C2 A1AQJ V . -14.85 14.49 3.14
C3 A1AQJ V . -15.04 14.05 1.85
C9 A1AQJ V . -17.41 14.83 -1.28
O1 A1AQJ V . -14.91 11.20 -0.12
O2 A1AQJ V . -17.83 14.27 -2.51
S DMS W . -28.83 -0.27 -19.32
O DMS W . -27.72 -1.30 -19.19
C1 DMS W . -28.10 1.32 -19.19
C2 DMS W . -29.70 -0.27 -17.75
S DMS X . -18.13 0.41 -2.69
O DMS X . -17.19 -0.48 -3.45
C1 DMS X . -19.73 -0.34 -2.85
C2 DMS X . -18.41 1.83 -3.72
CL CL Y . -14.87 3.98 -2.81
S DMS Z . 17.87 4.33 -16.73
O DMS Z . 17.63 5.19 -15.52
C1 DMS Z . 19.55 4.62 -17.23
C2 DMS Z . 17.05 5.15 -18.08
C TRS AA . 2.86 1.60 -30.30
C1 TRS AA . 1.39 1.31 -30.60
C2 TRS AA . 3.73 0.47 -30.85
C3 TRS AA . 3.26 2.94 -30.94
N TRS AA . 3.04 1.69 -28.80
O1 TRS AA . 0.94 0.12 -29.97
O2 TRS AA . 5.12 0.69 -30.64
O3 TRS AA . 2.32 3.99 -30.69
S DMS BA . 21.41 24.67 -16.25
O DMS BA . 22.06 23.29 -16.29
C1 DMS BA . 20.29 24.65 -14.87
C2 DMS BA . 20.22 24.78 -17.59
S DMS CA . 11.33 7.07 -15.84
O DMS CA . 10.91 8.48 -16.19
C1 DMS CA . 12.81 7.25 -14.88
C2 DMS CA . 12.05 6.40 -17.31
S DMS DA . 12.70 18.60 -34.85
O DMS DA . 14.01 17.87 -34.87
C1 DMS DA . 12.53 19.28 -33.22
C2 DMS DA . 11.44 17.35 -34.73
CL CL EA . 23.84 2.42 -14.30
CL CL FA . 14.15 3.54 -16.65
#